data_7OGG
#
_entry.id   7OGG
#
_cell.length_a   99.116
_cell.length_b   147.368
_cell.length_c   74.444
_cell.angle_alpha   90.000
_cell.angle_beta   90.000
_cell.angle_gamma   90.000
#
_symmetry.space_group_name_H-M   'P 21 21 2'
#
loop_
_entity.id
_entity.type
_entity.pdbx_description
1 polymer 'Non-structural maintenance of chromosome element 5,Non-structural maintenance of chromosome element 5,Non-structural maintenance of chromosome element 5'
2 polymer 'DNA repair protein KRE29,DNA repair protein KRE29,DNA repair protein KRE29'
#
loop_
_entity_poly.entity_id
_entity_poly.type
_entity_poly.pdbx_seq_one_letter_code
_entity_poly.pdbx_strand_id
1 'polypeptide(L)'
;(MSE)DGALINSVLYVSPRNGAHYFVELTEKHLLAFE(MSE)LNS(MSE)CLLENYDHVLLFLECQFGKSHNLAVIPFDI
ILVLFTLSTLSEYYKEPILRANDPYNTSRETLSRRALKLLQKYLAILKEFDSEQYNLYDLELLRCQFFLAIDTLTPKKQK
WGFDRFRRTKSESGVTYRQNASVDPELDQAKTFKNPYRSYISCLEQRNTILGNRLLNLKLNEPGEFIN(MSE)ILWTLSN
SLQESTPLFLSSHEIW(MSE)PLLEILIDLFSCRQDYFIQHEVAQNVSKSLFVQRLSESPLAVFFESLNTRNFANRFSEY
VFLNCDYKLPSDNYATPVHPVYNGENTIVDTYIPTIKCSPLYKSQKSLALRRKLIGSCFKLLLRVPDGHRLITPRIVADD
VIQGISRTLASFNDILQFKKFF(MSE)TENLSQESYFIPLLAEGTLSEILKDTQECVVILTLVENLSDGVSFCNEVIGLV
KSKCFAFTEQCSQASYEEAVLNIEKCDVCLLVLLRYLLHLIGTEAILDAKEQLE(MSE)LHAIEKNDSGRRQWAKALNLG
NDPPLLYPIVSQ(MSE)FGVHDKSVIIE(UNK)(UNK)(UNK)(UNK)(UNK)(UNK)(UNK)(UNK)(UNK)(UNK)
(UNK)(UNK)(UNK)(UNK)(UNK)(UNK)(UNK)(UNK)(UNK)(UNK)(UNK)(UNK)(UNK)(UNK)(UNK)(UNK)
(UNK)(UNK)(UNK)(UNK)(UNK)(UNK)(UNK)(UNK)(UNK)(UNK)(UNK)(UNK)(UNK)(UNK)(UNK)(UNK)
(UNK)(UNK)(UNK)(UNK)(UNK)(UNK)(UNK)(UNK)(UNK)
;
R
2 'polypeptide(L)'
;GPAA(MSE)SGSIPEIYLDVVTKETISDKYKDWHFISKNCHYEQL(MSE)DLE(MSE)KDTAYSFLFGSSRSQGKVPEFV
HLKCPSITNLLVLFGVNQEKCNSLKINYEKKENSRYDNLCTIFPVNK(MSE)LKFL(MSE)YFYSDDDNDDVREFFLKAF
ICLILDRKVFNA(MSE)ESDHRLCFKVLELFNEAHFINSYFEIVDKNDFFLHYRLLQIFPHLQSALLRRRFSEKQGRTET
IQQNIIKEFNEFFDCKNYKNLLYFILT(MSE)YGSKFIPFGPKCQVTEYFKDCILDISNETTNDVEISILKGILNLFSKI
RG(UNK)(UNK)(UNK)(UNK)(UNK)(UNK)(UNK)(UNK)(UNK)(UNK)(UNK)(UNK)(UNK)(UNK)
;
Q
#
# COMPACT_ATOMS: atom_id res chain seq x y z
N ASP A 2 -15.22 -10.03 18.31
CA ASP A 2 -14.95 -9.82 16.89
C ASP A 2 -14.22 -8.51 16.65
N GLY A 3 -14.98 -7.46 16.38
CA GLY A 3 -14.39 -6.17 16.05
C GLY A 3 -15.47 -5.17 15.71
N ALA A 4 -15.12 -3.88 15.86
CA ALA A 4 -16.09 -2.83 15.69
C ALA A 4 -16.36 -2.54 14.21
N LEU A 5 -15.38 -2.79 13.35
CA LEU A 5 -15.64 -2.82 11.92
C LEU A 5 -16.82 -3.73 11.60
N ILE A 6 -16.83 -4.92 12.21
CA ILE A 6 -17.75 -5.98 11.83
C ILE A 6 -19.12 -5.86 12.50
N ASN A 7 -19.18 -5.33 13.72
CA ASN A 7 -20.41 -5.33 14.49
C ASN A 7 -21.16 -4.00 14.42
N SER A 8 -20.59 -2.96 13.82
CA SER A 8 -21.25 -1.66 13.77
C SER A 8 -22.08 -1.59 12.50
N VAL A 9 -23.39 -1.75 12.64
CA VAL A 9 -24.32 -1.70 11.51
C VAL A 9 -25.36 -0.61 11.73
N LEU A 10 -24.98 0.45 12.44
CA LEU A 10 -25.96 1.46 12.85
C LEU A 10 -26.65 2.09 11.65
N TYR A 11 -25.90 2.44 10.61
CA TYR A 11 -26.44 3.23 9.50
C TYR A 11 -26.78 2.38 8.27
N VAL A 12 -26.80 1.06 8.39
CA VAL A 12 -26.99 0.19 7.24
C VAL A 12 -28.46 0.18 6.83
N SER A 13 -28.70 0.24 5.52
CA SER A 13 -30.01 0.02 4.91
C SER A 13 -29.89 -1.21 4.02
N PRO A 14 -29.81 -2.40 4.64
CA PRO A 14 -29.52 -3.62 3.87
C PRO A 14 -30.50 -3.85 2.73
N ARG A 15 -29.95 -4.24 1.59
CA ARG A 15 -30.72 -4.67 0.42
C ARG A 15 -30.31 -6.08 0.03
N ASN A 16 -30.90 -6.58 -1.05
CA ASN A 16 -30.80 -8.00 -1.38
C ASN A 16 -29.35 -8.44 -1.57
N GLY A 17 -28.66 -7.83 -2.53
CA GLY A 17 -27.28 -8.23 -2.78
C GLY A 17 -26.31 -7.71 -1.74
N ALA A 18 -26.62 -6.58 -1.12
CA ALA A 18 -25.70 -5.91 -0.21
C ALA A 18 -26.40 -5.70 1.14
N HIS A 19 -26.02 -6.51 2.12
CA HIS A 19 -26.46 -6.30 3.49
C HIS A 19 -25.71 -5.15 4.15
N TYR A 20 -24.49 -4.88 3.69
CA TYR A 20 -23.67 -3.78 4.15
C TYR A 20 -24.08 -2.43 3.57
N PHE A 21 -25.04 -2.39 2.65
CA PHE A 21 -25.31 -1.18 1.88
C PHE A 21 -25.86 -0.09 2.78
N VAL A 22 -25.23 1.08 2.72
CA VAL A 22 -25.70 2.28 3.41
C VAL A 22 -26.03 3.34 2.36
N GLU A 23 -27.04 4.15 2.65
CA GLU A 23 -27.48 5.17 1.71
C GLU A 23 -26.55 6.38 1.74
N LEU A 24 -26.51 7.09 0.62
CA LEU A 24 -25.72 8.30 0.51
C LEU A 24 -26.42 9.50 1.16
N THR A 25 -25.62 10.48 1.52
CA THR A 25 -26.11 11.77 1.98
C THR A 25 -25.91 12.81 0.88
N GLU A 26 -26.41 14.02 1.12
CA GLU A 26 -26.34 15.06 0.09
C GLU A 26 -24.89 15.40 -0.24
N LYS A 27 -24.08 15.64 0.79
CA LYS A 27 -22.67 15.95 0.58
C LYS A 27 -21.97 14.81 -0.17
N HIS A 28 -22.19 13.57 0.28
CA HIS A 28 -21.56 12.45 -0.39
C HIS A 28 -22.12 12.23 -1.78
N LEU A 29 -23.39 12.54 -2.01
CA LEU A 29 -23.92 12.40 -3.37
C LEU A 29 -23.26 13.39 -4.31
N LEU A 30 -23.09 14.63 -3.87
CA LEU A 30 -22.41 15.62 -4.70
C LEU A 30 -20.95 15.24 -4.92
N ALA A 31 -20.30 14.69 -3.89
CA ALA A 31 -18.89 14.31 -4.03
C ALA A 31 -18.74 13.13 -4.98
N PHE A 32 -19.68 12.18 -4.93
CA PHE A 32 -19.64 11.03 -5.82
C PHE A 32 -19.82 11.48 -7.26
N GLU A 33 -20.82 12.33 -7.51
CA GLU A 33 -21.05 12.76 -8.88
C GLU A 33 -19.92 13.65 -9.40
N MSE A 34 -19.28 14.42 -8.52
CA MSE A 34 -18.17 15.27 -8.93
C MSE A 34 -16.98 14.42 -9.31
O MSE A 34 -16.35 14.64 -10.35
CB MSE A 34 -17.81 16.23 -7.80
CG MSE A 34 -17.02 17.45 -8.22
SE MSE A 34 -16.59 18.57 -6.69
CE MSE A 34 -18.38 18.77 -5.95
N LEU A 35 -16.71 13.40 -8.49
CA LEU A 35 -15.59 12.51 -8.78
C LEU A 35 -15.81 11.76 -10.08
N ASN A 36 -17.03 11.26 -10.31
CA ASN A 36 -17.31 10.51 -11.53
C ASN A 36 -17.28 11.42 -12.76
N SER A 37 -17.79 12.64 -12.64
CA SER A 37 -17.77 13.57 -13.76
C SER A 37 -16.36 13.98 -14.10
N MSE A 38 -15.46 14.02 -13.11
CA MSE A 38 -14.05 14.25 -13.39
C MSE A 38 -13.45 13.03 -14.07
O MSE A 38 -12.71 13.17 -15.06
CB MSE A 38 -13.29 14.56 -12.10
CG MSE A 38 -13.51 15.99 -11.60
SE MSE A 38 -12.09 16.54 -10.38
CE MSE A 38 -12.41 15.27 -8.95
N CYS A 39 -13.75 11.85 -13.54
CA CYS A 39 -13.10 10.63 -14.00
C CYS A 39 -13.41 10.36 -15.47
N LEU A 40 -14.68 10.48 -15.87
CA LEU A 40 -15.00 10.26 -17.28
C LEU A 40 -14.31 11.25 -18.21
N LEU A 41 -13.91 12.42 -17.72
CA LEU A 41 -13.11 13.35 -18.52
C LEU A 41 -11.64 12.95 -18.59
N GLU A 42 -11.28 11.78 -18.06
CA GLU A 42 -9.90 11.29 -18.02
C GLU A 42 -8.96 12.26 -17.30
N ASN A 43 -9.51 13.15 -16.47
CA ASN A 43 -8.71 14.08 -15.68
C ASN A 43 -8.36 13.35 -14.39
N TYR A 44 -7.28 12.58 -14.42
CA TYR A 44 -6.95 11.74 -13.28
C TYR A 44 -6.11 12.46 -12.22
N ASP A 45 -5.34 13.47 -12.61
CA ASP A 45 -4.60 14.23 -11.62
C ASP A 45 -5.55 14.86 -10.61
N HIS A 46 -6.69 15.38 -11.09
CA HIS A 46 -7.64 16.00 -10.18
C HIS A 46 -8.54 14.98 -9.48
N VAL A 47 -8.87 13.86 -10.13
CA VAL A 47 -9.68 12.88 -9.42
C VAL A 47 -8.89 12.30 -8.25
N LEU A 48 -7.56 12.24 -8.37
CA LEU A 48 -6.76 11.84 -7.21
C LEU A 48 -6.53 12.99 -6.24
N LEU A 49 -6.30 14.21 -6.74
CA LEU A 49 -6.15 15.36 -5.86
C LEU A 49 -7.38 15.58 -4.96
N PHE A 50 -8.58 15.28 -5.47
CA PHE A 50 -9.79 15.49 -4.68
C PHE A 50 -9.74 14.69 -3.40
N LEU A 51 -9.22 13.47 -3.46
CA LEU A 51 -9.09 12.64 -2.29
C LEU A 51 -7.86 13.00 -1.47
N GLU A 52 -6.77 13.34 -2.14
CA GLU A 52 -5.51 13.60 -1.43
C GLU A 52 -5.59 14.88 -0.60
N CYS A 53 -6.06 15.97 -1.20
CA CYS A 53 -6.04 17.27 -0.52
C CYS A 53 -6.91 17.27 0.73
N GLN A 54 -7.98 16.48 0.74
CA GLN A 54 -8.88 16.41 1.89
C GLN A 54 -8.38 15.53 3.02
N PHE A 55 -7.25 14.84 2.82
CA PHE A 55 -6.86 13.73 3.69
C PHE A 55 -6.21 14.23 4.98
N GLY A 56 -6.67 13.70 6.12
CA GLY A 56 -6.01 13.92 7.38
C GLY A 56 -6.34 15.22 8.09
N LYS A 57 -7.40 15.91 7.66
CA LYS A 57 -7.63 17.29 8.07
C LYS A 57 -8.84 17.47 8.98
N SER A 58 -10.00 16.95 8.61
CA SER A 58 -11.20 17.12 9.40
C SER A 58 -11.69 15.80 9.97
N HIS A 59 -12.52 15.90 11.02
CA HIS A 59 -13.28 14.74 11.49
C HIS A 59 -14.12 14.14 10.38
N ASN A 60 -14.54 14.95 9.42
CA ASN A 60 -15.32 14.45 8.29
C ASN A 60 -14.41 13.69 7.34
N LEU A 61 -14.86 12.54 6.89
CA LEU A 61 -14.08 11.68 6.03
C LEU A 61 -14.58 11.81 4.59
N ALA A 62 -13.64 12.02 3.67
CA ALA A 62 -13.98 12.07 2.24
C ALA A 62 -14.05 10.64 1.76
N VAL A 63 -15.26 10.12 1.63
CA VAL A 63 -15.44 8.70 1.33
C VAL A 63 -15.26 8.49 -0.16
N ILE A 64 -14.48 7.47 -0.50
CA ILE A 64 -14.20 7.11 -1.89
C ILE A 64 -15.35 6.27 -2.43
N PRO A 65 -16.01 6.71 -3.50
CA PRO A 65 -17.05 5.88 -4.12
C PRO A 65 -16.48 4.55 -4.56
N PHE A 66 -17.34 3.52 -4.57
CA PHE A 66 -16.91 2.18 -4.94
C PHE A 66 -16.40 2.14 -6.37
N ASP A 67 -17.10 2.81 -7.29
CA ASP A 67 -16.66 2.83 -8.67
C ASP A 67 -15.30 3.50 -8.80
N ILE A 68 -15.04 4.52 -7.97
CA ILE A 68 -13.72 5.13 -7.97
C ILE A 68 -12.71 4.19 -7.33
N ILE A 69 -13.14 3.35 -6.38
CA ILE A 69 -12.24 2.32 -5.87
C ILE A 69 -11.82 1.37 -6.98
N LEU A 70 -12.77 0.99 -7.84
CA LEU A 70 -12.42 0.15 -8.98
C LEU A 70 -11.50 0.87 -9.95
N VAL A 71 -11.79 2.15 -10.21
CA VAL A 71 -10.93 2.95 -11.07
C VAL A 71 -9.52 2.98 -10.53
N LEU A 72 -9.36 3.26 -9.23
CA LEU A 72 -8.04 3.25 -8.61
C LEU A 72 -7.38 1.87 -8.69
N PHE A 73 -8.18 0.80 -8.54
CA PHE A 73 -7.61 -0.54 -8.65
C PHE A 73 -6.98 -0.74 -10.01
N THR A 74 -7.69 -0.34 -11.06
CA THR A 74 -7.13 -0.48 -12.40
C THR A 74 -5.99 0.51 -12.64
N LEU A 75 -6.10 1.71 -12.10
CA LEU A 75 -5.08 2.73 -12.29
C LEU A 75 -3.77 2.33 -11.63
N SER A 76 -3.83 1.51 -10.59
CA SER A 76 -2.61 0.99 -9.97
C SER A 76 -1.85 0.08 -10.93
N THR A 77 -2.49 -0.39 -11.99
CA THR A 77 -1.85 -1.30 -12.93
C THR A 77 -0.98 -0.58 -13.96
N LEU A 78 -1.10 0.74 -14.07
CA LEU A 78 -0.34 1.52 -15.05
C LEU A 78 0.88 2.10 -14.35
N SER A 79 1.87 1.25 -14.12
CA SER A 79 3.05 1.69 -13.41
C SER A 79 4.08 2.17 -14.41
N GLU A 80 5.01 2.99 -13.92
CA GLU A 80 5.80 3.82 -14.81
C GLU A 80 6.69 2.99 -15.72
N TYR A 81 7.15 1.84 -15.26
CA TYR A 81 8.22 1.12 -15.96
C TYR A 81 7.78 0.65 -17.34
N TYR A 82 6.54 0.19 -17.48
CA TYR A 82 6.04 -0.18 -18.79
C TYR A 82 4.98 0.77 -19.36
N LYS A 83 4.44 1.68 -18.54
CA LYS A 83 3.35 2.56 -18.99
C LYS A 83 3.71 4.04 -19.05
N GLU A 84 4.97 4.41 -18.82
CA GLU A 84 5.32 5.83 -18.69
C GLU A 84 4.84 6.73 -19.84
N PRO A 85 4.88 6.34 -21.11
CA PRO A 85 4.37 7.25 -22.16
C PRO A 85 2.90 7.61 -21.99
N ILE A 86 2.06 6.65 -21.63
CA ILE A 86 0.64 6.96 -21.46
C ILE A 86 0.43 7.83 -20.23
N LEU A 87 1.30 7.69 -19.23
CA LEU A 87 1.17 8.49 -18.03
C LEU A 87 1.57 9.93 -18.31
N ARG A 88 2.65 10.14 -19.06
CA ARG A 88 2.98 11.49 -19.51
C ARG A 88 1.93 12.03 -20.47
N ALA A 89 1.21 11.15 -21.17
CA ALA A 89 0.13 11.62 -22.03
C ALA A 89 -1.01 12.20 -21.22
N ASN A 90 -1.50 11.46 -20.22
CA ASN A 90 -2.59 11.98 -19.41
C ASN A 90 -2.12 13.08 -18.47
N ASP A 91 -0.90 12.96 -17.95
CA ASP A 91 -0.34 13.91 -16.98
C ASP A 91 0.93 14.48 -17.56
N PRO A 92 0.84 15.48 -18.45
CA PRO A 92 2.04 16.01 -19.12
C PRO A 92 2.99 16.69 -18.15
N TYR A 93 2.47 17.59 -17.33
CA TYR A 93 3.24 18.25 -16.28
C TYR A 93 2.96 17.55 -14.95
N ASN A 94 4.02 17.15 -14.26
CA ASN A 94 3.87 16.34 -13.05
C ASN A 94 3.88 17.29 -11.86
N THR A 95 2.68 17.76 -11.48
CA THR A 95 2.56 18.66 -10.35
C THR A 95 2.78 17.93 -9.03
N SER A 96 2.44 16.64 -8.99
CA SER A 96 2.67 15.82 -7.81
C SER A 96 4.10 15.33 -7.74
N ARG A 97 4.76 15.21 -8.88
CA ARG A 97 6.04 14.51 -9.02
C ARG A 97 5.92 13.08 -8.50
N GLU A 98 4.79 12.44 -8.80
CA GLU A 98 4.58 11.03 -8.57
C GLU A 98 3.63 10.51 -9.65
N THR A 99 3.71 9.22 -9.92
CA THR A 99 2.88 8.65 -10.97
C THR A 99 1.43 8.55 -10.52
N LEU A 100 0.54 8.57 -11.50
CA LEU A 100 -0.88 8.30 -11.24
C LEU A 100 -1.04 6.98 -10.50
N SER A 101 -0.38 5.94 -10.99
CA SER A 101 -0.52 4.60 -10.41
C SER A 101 -0.14 4.58 -8.95
N ARG A 102 1.07 5.04 -8.62
CA ARG A 102 1.52 4.97 -7.24
C ARG A 102 0.66 5.83 -6.33
N ARG A 103 0.15 6.95 -6.83
CA ARG A 103 -0.75 7.77 -6.02
C ARG A 103 -2.06 7.05 -5.74
N ALA A 104 -2.64 6.44 -6.77
CA ALA A 104 -3.89 5.70 -6.57
C ALA A 104 -3.68 4.53 -5.63
N LEU A 105 -2.58 3.79 -5.81
CA LEU A 105 -2.24 2.72 -4.88
C LEU A 105 -2.14 3.24 -3.45
N LYS A 106 -1.53 4.41 -3.28
CA LYS A 106 -1.36 4.98 -1.95
C LYS A 106 -2.71 5.36 -1.35
N LEU A 107 -3.60 5.93 -2.17
CA LEU A 107 -4.96 6.22 -1.70
C LEU A 107 -5.66 4.94 -1.26
N LEU A 108 -5.59 3.89 -2.09
CA LEU A 108 -6.20 2.62 -1.73
C LEU A 108 -5.68 2.11 -0.40
N GLN A 109 -4.36 2.16 -0.21
CA GLN A 109 -3.76 1.64 1.01
C GLN A 109 -4.16 2.48 2.22
N LYS A 110 -4.15 3.81 2.09
CA LYS A 110 -4.52 4.67 3.21
C LYS A 110 -5.98 4.48 3.60
N TYR A 111 -6.87 4.40 2.62
CA TYR A 111 -8.27 4.09 2.91
C TYR A 111 -8.44 2.71 3.55
N LEU A 112 -7.73 1.70 3.05
CA LEU A 112 -7.79 0.40 3.70
C LEU A 112 -7.31 0.46 5.14
N ALA A 113 -6.32 1.30 5.41
CA ALA A 113 -5.84 1.48 6.77
C ALA A 113 -6.91 2.11 7.64
N ILE A 114 -7.53 3.20 7.16
CA ILE A 114 -8.63 3.81 7.89
C ILE A 114 -9.74 2.80 8.12
N LEU A 115 -9.97 1.91 7.16
CA LEU A 115 -11.04 0.94 7.30
C LEU A 115 -10.71 -0.08 8.38
N LYS A 116 -9.48 -0.62 8.36
CA LYS A 116 -9.10 -1.59 9.37
C LYS A 116 -9.00 -0.94 10.75
N GLU A 117 -8.53 0.30 10.83
CA GLU A 117 -8.57 1.06 12.08
C GLU A 117 -9.90 1.79 12.13
N PHE A 118 -10.92 1.06 12.58
CA PHE A 118 -12.29 1.57 12.55
C PHE A 118 -12.46 2.44 13.79
N ASP A 119 -12.20 3.74 13.60
CA ASP A 119 -12.09 4.70 14.69
C ASP A 119 -13.24 5.68 14.62
N SER A 120 -14.21 5.55 15.54
CA SER A 120 -15.34 6.44 15.53
C SER A 120 -15.03 7.76 16.24
N GLU A 121 -14.08 7.74 17.18
CA GLU A 121 -13.64 9.00 17.77
C GLU A 121 -13.03 9.91 16.72
N GLN A 122 -12.20 9.36 15.84
CA GLN A 122 -11.48 10.18 14.87
C GLN A 122 -12.36 10.58 13.69
N TYR A 123 -13.10 9.62 13.13
CA TYR A 123 -13.86 9.83 11.90
C TYR A 123 -15.34 9.57 12.15
N ASN A 124 -16.18 10.35 11.48
CA ASN A 124 -17.64 10.23 11.61
C ASN A 124 -18.10 8.81 11.31
N LEU A 125 -18.73 8.18 12.30
CA LEU A 125 -19.11 6.77 12.20
C LEU A 125 -19.89 6.48 10.91
N TYR A 126 -20.85 7.34 10.55
CA TYR A 126 -21.58 7.13 9.31
C TYR A 126 -20.62 7.06 8.13
N ASP A 127 -19.66 7.98 8.07
CA ASP A 127 -18.69 7.97 6.99
C ASP A 127 -17.87 6.68 6.99
N LEU A 128 -17.53 6.16 8.18
CA LEU A 128 -16.79 4.91 8.23
C LEU A 128 -17.62 3.75 7.69
N GLU A 129 -18.89 3.68 8.09
CA GLU A 129 -19.74 2.61 7.58
C GLU A 129 -19.96 2.76 6.08
N LEU A 130 -20.00 4.00 5.59
CA LEU A 130 -20.10 4.24 4.16
C LEU A 130 -18.85 3.78 3.43
N LEU A 131 -17.68 4.07 3.98
CA LEU A 131 -16.43 3.62 3.38
C LEU A 131 -16.37 2.10 3.32
N ARG A 132 -16.86 1.44 4.37
CA ARG A 132 -16.90 -0.02 4.37
C ARG A 132 -17.88 -0.53 3.32
N CYS A 133 -19.08 0.06 3.28
CA CYS A 133 -20.03 -0.26 2.23
C CYS A 133 -19.40 -0.14 0.84
N GLN A 134 -18.57 0.89 0.63
CA GLN A 134 -18.01 1.13 -0.69
C GLN A 134 -16.92 0.11 -1.02
N PHE A 135 -16.06 -0.20 -0.05
CA PHE A 135 -15.03 -1.21 -0.29
C PHE A 135 -15.66 -2.58 -0.53
N PHE A 136 -16.63 -2.96 0.30
CA PHE A 136 -17.36 -4.20 0.09
C PHE A 136 -18.06 -4.23 -1.27
N LEU A 137 -18.75 -3.15 -1.61
CA LEU A 137 -19.41 -3.04 -2.91
C LEU A 137 -18.42 -3.27 -4.03
N ALA A 138 -17.21 -2.72 -3.90
CA ALA A 138 -16.19 -2.93 -4.93
C ALA A 138 -15.74 -4.39 -4.98
N ILE A 139 -15.41 -4.96 -3.82
CA ILE A 139 -14.86 -6.32 -3.80
C ILE A 139 -15.88 -7.34 -4.26
N ASP A 140 -17.17 -7.09 -4.00
CA ASP A 140 -18.22 -7.99 -4.47
C ASP A 140 -18.46 -7.90 -5.96
N THR A 141 -17.80 -6.97 -6.65
CA THR A 141 -17.84 -6.98 -8.12
C THR A 141 -16.93 -8.06 -8.68
N LEU A 142 -15.96 -8.52 -7.90
CA LEU A 142 -15.12 -9.65 -8.29
C LEU A 142 -15.90 -10.94 -8.11
N THR A 143 -16.02 -11.71 -9.18
CA THR A 143 -16.42 -13.11 -9.10
C THR A 143 -15.39 -13.87 -9.93
N PRO A 144 -14.62 -14.79 -9.35
CA PRO A 144 -13.46 -15.29 -10.06
C PRO A 144 -13.82 -16.17 -11.25
N LYS A 145 -14.94 -16.89 -11.19
CA LYS A 145 -15.47 -17.62 -12.35
C LYS A 145 -14.42 -18.52 -12.97
N LYS A 146 -13.51 -19.03 -12.14
CA LYS A 146 -12.28 -19.61 -12.64
C LYS A 146 -12.53 -20.98 -13.26
N GLN A 147 -11.86 -21.23 -14.39
CA GLN A 147 -11.92 -22.53 -15.04
C GLN A 147 -10.85 -22.59 -16.14
N LYS A 148 -10.72 -23.77 -16.72
CA LYS A 148 -9.86 -24.09 -17.86
C LYS A 148 -10.32 -25.45 -18.37
N TRP A 149 -9.59 -26.04 -19.32
CA TRP A 149 -9.78 -27.47 -19.53
C TRP A 149 -9.40 -28.24 -18.26
N THR A 180 -22.19 -3.80 -17.84
CA THR A 180 -22.96 -4.93 -17.34
C THR A 180 -23.07 -4.87 -15.82
N PHE A 181 -22.45 -3.85 -15.23
CA PHE A 181 -22.44 -3.63 -13.78
C PHE A 181 -23.23 -2.36 -13.49
N LYS A 182 -24.43 -2.52 -12.97
CA LYS A 182 -25.36 -1.41 -12.83
C LYS A 182 -25.24 -0.80 -11.43
N ASN A 183 -25.16 0.52 -11.38
CA ASN A 183 -24.93 1.23 -10.14
C ASN A 183 -26.09 1.00 -9.17
N PRO A 184 -25.83 0.60 -7.92
CA PRO A 184 -26.93 0.37 -6.97
C PRO A 184 -27.60 1.64 -6.50
N TYR A 185 -26.99 2.80 -6.68
CA TYR A 185 -27.54 4.03 -6.14
C TYR A 185 -28.63 4.60 -7.04
N ARG A 186 -28.38 4.69 -8.34
CA ARG A 186 -29.29 5.28 -9.33
C ARG A 186 -29.55 6.76 -9.07
N SER A 187 -28.66 7.40 -8.30
CA SER A 187 -28.66 8.84 -8.11
C SER A 187 -27.69 9.54 -9.04
N TYR A 188 -26.75 8.81 -9.62
CA TYR A 188 -25.67 9.36 -10.42
C TYR A 188 -25.19 8.31 -11.40
N ILE A 189 -24.76 8.77 -12.58
CA ILE A 189 -24.19 7.89 -13.58
C ILE A 189 -22.70 7.75 -13.32
N SER A 190 -22.23 6.52 -13.24
CA SER A 190 -20.86 6.22 -12.86
C SER A 190 -19.99 5.95 -14.09
N CYS A 191 -18.75 5.57 -13.83
CA CYS A 191 -17.81 5.22 -14.90
C CYS A 191 -18.06 3.81 -15.43
N LEU A 192 -18.62 2.94 -14.59
CA LEU A 192 -18.96 1.58 -15.01
C LEU A 192 -19.93 1.57 -16.18
N GLU A 193 -20.65 2.66 -16.39
CA GLU A 193 -21.69 2.70 -17.41
C GLU A 193 -21.10 2.86 -18.81
N GLN A 194 -20.23 3.85 -18.98
CA GLN A 194 -19.69 4.18 -20.30
C GLN A 194 -18.26 3.69 -20.52
N ARG A 195 -17.60 3.13 -19.52
CA ARG A 195 -16.18 2.83 -19.62
C ARG A 195 -15.87 1.41 -19.18
N ASN A 196 -15.01 0.75 -19.96
CA ASN A 196 -14.41 -0.53 -19.58
C ASN A 196 -12.89 -0.42 -19.45
N THR A 197 -12.23 0.18 -20.43
CA THR A 197 -10.83 0.55 -20.30
C THR A 197 -10.69 1.85 -19.52
N ILE A 198 -9.67 1.93 -18.67
CA ILE A 198 -9.50 3.14 -17.87
C ILE A 198 -8.41 4.01 -18.50
N LEU A 199 -7.20 3.49 -18.65
CA LEU A 199 -6.15 4.16 -19.42
C LEU A 199 -5.30 3.06 -20.04
N GLY A 200 -5.61 2.71 -21.29
CA GLY A 200 -4.97 1.57 -21.95
C GLY A 200 -4.82 0.33 -21.10
N ASN A 201 -5.80 0.05 -20.24
CA ASN A 201 -5.86 -1.19 -19.48
C ASN A 201 -7.31 -1.45 -19.09
N ARG A 202 -7.75 -2.69 -19.24
CA ARG A 202 -9.11 -3.06 -18.86
C ARG A 202 -9.27 -3.05 -17.35
N LEU A 203 -10.49 -2.76 -16.89
CA LEU A 203 -10.77 -2.67 -15.48
C LEU A 203 -10.40 -3.97 -14.76
N LEU A 204 -9.87 -3.83 -13.55
CA LEU A 204 -9.37 -4.99 -12.82
C LEU A 204 -10.48 -5.99 -12.51
N ASN A 205 -11.64 -5.50 -12.08
CA ASN A 205 -12.76 -6.39 -11.80
C ASN A 205 -13.15 -7.18 -13.05
N LEU A 206 -13.02 -6.56 -14.23
CA LEU A 206 -13.29 -7.27 -15.47
C LEU A 206 -12.27 -8.38 -15.70
N LYS A 207 -10.99 -8.02 -15.73
CA LYS A 207 -9.95 -8.98 -16.07
C LYS A 207 -9.89 -10.13 -15.07
N LEU A 208 -10.14 -9.86 -13.79
CA LEU A 208 -10.11 -10.93 -12.80
C LEU A 208 -11.35 -11.81 -12.85
N ASN A 209 -12.45 -11.32 -13.39
CA ASN A 209 -13.65 -12.12 -13.58
C ASN A 209 -13.55 -13.03 -14.80
N GLU A 210 -12.50 -12.90 -15.60
CA GLU A 210 -12.34 -13.73 -16.78
C GLU A 210 -12.03 -15.17 -16.37
N PRO A 211 -12.40 -16.15 -17.19
CA PRO A 211 -12.51 -17.53 -16.69
C PRO A 211 -11.20 -18.14 -16.20
N GLY A 212 -10.04 -17.74 -16.72
CA GLY A 212 -8.82 -18.31 -16.21
C GLY A 212 -7.97 -17.42 -15.31
N GLU A 213 -8.35 -16.14 -15.23
CA GLU A 213 -7.37 -15.10 -14.91
C GLU A 213 -7.00 -14.98 -13.43
N PHE A 214 -7.87 -15.35 -12.49
CA PHE A 214 -7.61 -14.98 -11.10
C PHE A 214 -6.45 -15.80 -10.51
N ILE A 215 -6.47 -17.11 -10.71
CA ILE A 215 -5.34 -17.95 -10.32
C ILE A 215 -4.10 -17.50 -11.05
N ASN A 216 -4.25 -17.18 -12.34
CA ASN A 216 -3.13 -16.64 -13.10
C ASN A 216 -2.53 -15.42 -12.42
N MSE A 217 -3.37 -14.56 -11.85
CA MSE A 217 -2.91 -13.34 -11.18
C MSE A 217 -2.08 -13.71 -9.96
O MSE A 217 -0.96 -13.21 -9.76
CB MSE A 217 -4.10 -12.47 -10.78
CG MSE A 217 -3.73 -11.12 -10.19
SE MSE A 217 -3.37 -11.20 -8.28
CE MSE A 217 -5.15 -11.67 -7.67
N ILE A 218 -2.67 -14.58 -9.14
CA ILE A 218 -1.98 -15.01 -7.93
C ILE A 218 -0.64 -15.66 -8.28
N LEU A 219 -0.63 -16.47 -9.33
CA LEU A 219 0.59 -17.18 -9.72
C LEU A 219 1.60 -16.22 -10.34
N TRP A 220 1.14 -15.32 -11.20
CA TRP A 220 2.00 -14.29 -11.77
C TRP A 220 2.77 -13.56 -10.68
N THR A 221 2.04 -12.97 -9.73
CA THR A 221 2.72 -12.23 -8.67
C THR A 221 3.62 -13.14 -7.82
N LEU A 222 3.15 -14.34 -7.50
CA LEU A 222 3.95 -15.25 -6.68
C LEU A 222 5.25 -15.61 -7.39
N SER A 223 5.15 -16.16 -8.60
CA SER A 223 6.30 -16.64 -9.35
C SER A 223 7.23 -15.52 -9.78
N ASN A 224 6.75 -14.28 -9.85
CA ASN A 224 7.64 -13.18 -10.15
C ASN A 224 8.20 -12.52 -8.90
N SER A 225 7.70 -12.87 -7.71
CA SER A 225 8.20 -12.23 -6.50
C SER A 225 9.56 -12.74 -6.05
N LEU A 226 10.01 -13.89 -6.54
CA LEU A 226 11.34 -14.39 -6.25
C LEU A 226 12.31 -14.22 -7.40
N GLN A 227 11.84 -13.72 -8.55
CA GLN A 227 12.62 -13.80 -9.78
C GLN A 227 13.67 -12.70 -9.84
N GLU A 228 14.88 -13.08 -10.29
CA GLU A 228 15.97 -12.12 -10.44
C GLU A 228 15.88 -11.30 -11.72
N SER A 229 14.93 -11.61 -12.61
CA SER A 229 14.78 -10.83 -13.83
C SER A 229 14.16 -9.48 -13.51
N THR A 230 14.80 -8.41 -13.99
CA THR A 230 14.33 -7.06 -13.66
C THR A 230 12.88 -6.79 -14.04
N PRO A 231 12.42 -7.10 -15.27
CA PRO A 231 11.05 -6.67 -15.61
C PRO A 231 9.98 -7.45 -14.87
N LEU A 232 10.19 -8.76 -14.66
CA LEU A 232 9.19 -9.54 -13.96
C LEU A 232 9.24 -9.28 -12.46
N PHE A 233 10.41 -8.96 -11.91
CA PHE A 233 10.47 -8.53 -10.53
C PHE A 233 9.76 -7.20 -10.34
N LEU A 234 9.89 -6.30 -11.31
CA LEU A 234 9.10 -5.07 -11.26
C LEU A 234 7.61 -5.36 -11.38
N SER A 235 7.25 -6.34 -12.20
CA SER A 235 5.85 -6.75 -12.32
C SER A 235 5.32 -7.32 -11.01
N SER A 236 6.17 -7.98 -10.22
CA SER A 236 5.68 -8.46 -8.94
C SER A 236 5.69 -7.36 -7.88
N HIS A 237 6.70 -6.49 -7.89
CA HIS A 237 7.00 -5.63 -6.75
C HIS A 237 6.27 -4.29 -6.79
N GLU A 238 6.22 -3.63 -7.95
CA GLU A 238 5.63 -2.31 -8.04
C GLU A 238 4.12 -2.32 -8.21
N ILE A 239 3.56 -3.43 -8.70
CA ILE A 239 2.15 -3.50 -9.06
C ILE A 239 1.40 -4.59 -8.30
N TRP A 240 1.82 -5.84 -8.43
CA TRP A 240 0.93 -6.94 -8.09
C TRP A 240 0.96 -7.36 -6.62
N MSE A 241 2.11 -7.42 -5.97
CA MSE A 241 2.12 -7.84 -4.56
C MSE A 241 1.30 -6.90 -3.66
O MSE A 241 0.53 -7.39 -2.83
CB MSE A 241 3.54 -7.97 -4.03
CG MSE A 241 4.33 -9.10 -4.65
SE MSE A 241 6.06 -9.32 -3.78
CE MSE A 241 5.44 -10.04 -2.09
N PRO A 242 1.46 -5.58 -3.80
CA PRO A 242 0.57 -4.67 -3.04
C PRO A 242 -0.90 -4.91 -3.32
N LEU A 243 -1.26 -5.07 -4.60
CA LEU A 243 -2.66 -5.26 -4.94
C LEU A 243 -3.21 -6.55 -4.34
N LEU A 244 -2.47 -7.65 -4.48
CA LEU A 244 -2.90 -8.90 -3.89
C LEU A 244 -3.02 -8.80 -2.38
N GLU A 245 -2.06 -8.13 -1.72
CA GLU A 245 -2.18 -7.86 -0.29
C GLU A 245 -3.51 -7.18 0.03
N ILE A 246 -3.79 -6.07 -0.67
CA ILE A 246 -5.03 -5.34 -0.45
C ILE A 246 -6.23 -6.25 -0.63
N LEU A 247 -6.17 -7.14 -1.61
CA LEU A 247 -7.29 -8.01 -1.91
C LEU A 247 -7.48 -9.05 -0.81
N ILE A 248 -6.39 -9.72 -0.41
CA ILE A 248 -6.44 -10.64 0.72
C ILE A 248 -7.07 -9.98 1.94
N ASP A 249 -6.58 -8.79 2.29
CA ASP A 249 -7.08 -8.10 3.49
C ASP A 249 -8.57 -7.80 3.36
N LEU A 250 -9.00 -7.32 2.18
CA LEU A 250 -10.40 -6.97 2.03
C LEU A 250 -11.28 -8.21 2.01
N PHE A 251 -10.77 -9.30 1.45
CA PHE A 251 -11.46 -10.58 1.51
C PHE A 251 -11.67 -11.02 2.96
N SER A 252 -10.59 -11.05 3.75
CA SER A 252 -10.72 -11.42 5.16
C SER A 252 -11.74 -10.55 5.89
N CYS A 253 -11.79 -9.26 5.54
CA CYS A 253 -12.72 -8.36 6.23
C CYS A 253 -14.16 -8.64 5.81
N ARG A 254 -14.37 -8.83 4.51
CA ARG A 254 -15.69 -9.21 4.01
C ARG A 254 -16.10 -10.57 4.57
N GLN A 255 -15.14 -11.44 4.82
CA GLN A 255 -15.44 -12.75 5.38
C GLN A 255 -15.94 -12.62 6.81
N ASP A 256 -15.26 -11.82 7.63
CA ASP A 256 -15.76 -11.59 8.98
C ASP A 256 -17.19 -11.02 8.96
N TYR A 257 -17.39 -9.93 8.20
CA TYR A 257 -18.73 -9.34 8.12
C TYR A 257 -19.75 -10.37 7.64
N PHE A 258 -19.36 -11.25 6.72
CA PHE A 258 -20.27 -12.24 6.16
C PHE A 258 -20.63 -13.29 7.21
N ILE A 259 -19.63 -13.80 7.92
CA ILE A 259 -19.85 -14.78 8.96
C ILE A 259 -20.79 -14.24 10.03
N GLN A 260 -20.66 -12.95 10.38
CA GLN A 260 -21.53 -12.48 11.44
C GLN A 260 -22.86 -11.91 10.95
N HIS A 261 -23.01 -11.60 9.67
CA HIS A 261 -24.19 -10.87 9.22
C HIS A 261 -25.03 -11.57 8.17
N GLU A 262 -24.45 -12.44 7.35
CA GLU A 262 -25.14 -13.03 6.21
C GLU A 262 -25.42 -14.51 6.46
N VAL A 263 -25.61 -14.85 7.72
CA VAL A 263 -25.79 -16.19 8.27
C VAL A 263 -27.20 -16.28 8.85
N ALA A 264 -27.53 -17.46 9.34
CA ALA A 264 -28.86 -17.98 9.61
C ALA A 264 -28.99 -18.27 11.10
N GLN A 265 -28.25 -17.52 11.92
CA GLN A 265 -27.23 -18.01 12.82
C GLN A 265 -27.54 -19.34 13.49
N ASN A 266 -28.71 -19.52 14.09
CA ASN A 266 -28.91 -20.84 14.66
C ASN A 266 -29.02 -21.86 13.53
N VAL A 267 -28.41 -23.02 13.74
CA VAL A 267 -28.19 -23.99 12.69
C VAL A 267 -27.81 -25.32 13.31
N SER A 268 -28.21 -26.44 12.70
CA SER A 268 -27.67 -27.72 13.14
C SER A 268 -26.41 -28.07 12.34
N LYS A 269 -25.46 -27.14 12.34
CA LYS A 269 -24.04 -27.35 12.05
C LYS A 269 -23.77 -27.71 10.59
N SER A 270 -24.80 -27.83 9.76
CA SER A 270 -24.63 -28.22 8.37
C SER A 270 -25.08 -27.15 7.41
N LEU A 271 -26.26 -26.56 7.63
CA LEU A 271 -26.62 -25.35 6.92
C LEU A 271 -25.58 -24.26 7.15
N PHE A 272 -24.93 -24.27 8.32
CA PHE A 272 -23.82 -23.35 8.54
C PHE A 272 -22.67 -23.66 7.61
N VAL A 273 -22.33 -24.94 7.43
CA VAL A 273 -21.34 -25.31 6.44
C VAL A 273 -21.89 -25.18 5.02
N GLN A 274 -23.20 -25.19 4.86
CA GLN A 274 -23.79 -24.95 3.54
C GLN A 274 -23.58 -23.50 3.11
N ARG A 275 -23.70 -22.57 4.06
CA ARG A 275 -23.44 -21.16 3.78
C ARG A 275 -21.96 -20.84 3.79
N LEU A 276 -21.17 -21.59 4.57
CA LEU A 276 -19.73 -21.36 4.65
C LEU A 276 -19.00 -21.81 3.40
N SER A 277 -19.67 -22.54 2.51
CA SER A 277 -19.07 -22.99 1.26
C SER A 277 -19.18 -21.95 0.16
N GLU A 278 -20.05 -20.96 0.32
CA GLU A 278 -20.15 -19.81 -0.57
C GLU A 278 -19.73 -18.52 0.10
N SER A 279 -18.92 -18.63 1.17
CA SER A 279 -18.25 -17.52 1.81
C SER A 279 -17.32 -16.77 0.85
N PRO A 280 -16.96 -15.53 1.20
CA PRO A 280 -15.93 -14.83 0.43
C PRO A 280 -14.64 -15.62 0.25
N LEU A 281 -14.07 -16.16 1.32
CA LEU A 281 -12.84 -16.91 1.16
C LEU A 281 -13.11 -18.26 0.53
N ALA A 282 -14.37 -18.71 0.56
CA ALA A 282 -14.72 -19.97 -0.06
C ALA A 282 -14.70 -19.84 -1.58
N VAL A 283 -15.42 -18.86 -2.13
CA VAL A 283 -15.32 -18.57 -3.56
C VAL A 283 -13.88 -18.22 -3.93
N PHE A 284 -13.18 -17.53 -3.02
CA PHE A 284 -11.79 -17.12 -3.28
C PHE A 284 -10.92 -18.33 -3.59
N PHE A 285 -10.82 -19.26 -2.64
CA PHE A 285 -10.03 -20.46 -2.88
C PHE A 285 -10.74 -21.49 -3.77
N GLU A 286 -12.03 -21.29 -4.06
CA GLU A 286 -12.72 -22.15 -5.02
C GLU A 286 -12.24 -21.87 -6.43
N SER A 287 -12.00 -20.60 -6.75
CA SER A 287 -11.26 -20.27 -7.97
C SER A 287 -10.04 -21.16 -8.14
N LEU A 288 -9.34 -21.44 -7.04
CA LEU A 288 -8.03 -22.09 -7.03
C LEU A 288 -8.13 -23.62 -7.20
N ASN A 289 -9.30 -24.11 -7.61
CA ASN A 289 -9.55 -25.55 -7.67
C ASN A 289 -8.59 -26.26 -8.63
N THR A 290 -8.11 -25.59 -9.67
CA THR A 290 -7.32 -26.25 -10.70
C THR A 290 -6.17 -25.34 -11.13
N ARG A 291 -5.37 -25.85 -12.06
CA ARG A 291 -4.17 -25.16 -12.56
C ARG A 291 -3.22 -24.78 -11.41
N VAL A 301 -13.39 -11.57 -25.04
CA VAL A 301 -12.24 -10.69 -25.26
C VAL A 301 -10.96 -11.51 -25.13
N PHE A 302 -9.94 -11.17 -25.91
CA PHE A 302 -8.73 -11.96 -25.96
C PHE A 302 -7.83 -11.63 -24.78
N LEU A 303 -7.30 -12.68 -24.15
CA LEU A 303 -6.40 -12.52 -23.01
C LEU A 303 -5.01 -12.16 -23.50
N ASN A 304 -4.46 -11.05 -23.01
CA ASN A 304 -3.13 -10.64 -23.40
C ASN A 304 -2.09 -11.57 -22.78
N CYS A 305 -1.27 -12.19 -23.61
CA CYS A 305 -0.13 -12.96 -23.15
C CYS A 305 1.03 -12.77 -24.12
N ASP A 306 2.22 -12.56 -23.56
CA ASP A 306 3.44 -12.51 -24.35
C ASP A 306 4.54 -13.22 -23.58
N TYR A 307 5.22 -14.15 -24.23
CA TYR A 307 6.22 -15.00 -23.60
C TYR A 307 5.63 -15.68 -22.36
N LYS A 308 4.50 -16.34 -22.56
CA LYS A 308 3.94 -17.20 -21.52
C LYS A 308 4.98 -18.25 -21.13
N LEU A 309 5.04 -18.55 -19.83
CA LEU A 309 6.10 -19.42 -19.33
C LEU A 309 5.64 -20.31 -18.19
N PRO A 310 5.94 -21.61 -18.24
CA PRO A 310 5.77 -22.45 -17.06
C PRO A 310 6.94 -22.31 -16.11
N SER A 311 6.63 -22.23 -14.81
CA SER A 311 7.65 -21.96 -13.81
C SER A 311 8.27 -23.25 -13.27
N ASP A 312 7.44 -24.13 -12.72
CA ASP A 312 7.91 -25.46 -12.35
C ASP A 312 8.17 -26.28 -13.60
N ASN A 313 9.03 -27.29 -13.46
CA ASN A 313 9.32 -28.17 -14.59
C ASN A 313 8.13 -29.09 -14.82
N TYR A 314 7.58 -29.04 -16.04
CA TYR A 314 6.41 -29.83 -16.42
C TYR A 314 5.20 -29.53 -15.53
N ALA A 315 4.90 -28.24 -15.36
CA ALA A 315 3.78 -27.81 -14.52
C ALA A 315 3.61 -26.29 -14.63
N THR A 316 2.44 -25.81 -14.16
CA THR A 316 2.18 -24.44 -13.75
C THR A 316 2.54 -23.34 -14.76
N PRO A 317 1.82 -23.21 -15.88
CA PRO A 317 2.10 -22.12 -16.82
C PRO A 317 1.44 -20.82 -16.39
N VAL A 318 2.25 -19.80 -16.12
CA VAL A 318 1.81 -18.46 -15.75
C VAL A 318 1.95 -17.51 -16.93
N HIS A 319 0.95 -16.65 -17.14
CA HIS A 319 1.02 -15.63 -18.17
C HIS A 319 0.83 -14.24 -17.57
N PRO A 320 1.25 -13.18 -18.26
CA PRO A 320 1.05 -11.83 -17.73
C PRO A 320 -0.42 -11.45 -17.68
N VAL A 321 -0.77 -10.65 -16.67
CA VAL A 321 -2.13 -10.16 -16.53
C VAL A 321 -2.46 -9.12 -17.60
N TYR A 322 -1.55 -8.17 -17.82
CA TYR A 322 -1.83 -7.03 -18.66
C TYR A 322 -0.83 -6.92 -19.81
N ASN A 323 -1.28 -6.26 -20.87
CA ASN A 323 -0.63 -6.29 -22.19
C ASN A 323 0.89 -6.11 -22.11
N GLY A 324 1.37 -5.24 -21.23
CA GLY A 324 2.73 -4.76 -21.36
C GLY A 324 3.76 -5.22 -20.34
N GLU A 325 3.34 -5.97 -19.32
CA GLU A 325 4.15 -6.15 -18.12
C GLU A 325 5.51 -6.80 -18.40
N ASN A 326 5.70 -7.43 -19.56
CA ASN A 326 6.98 -8.07 -19.83
C ASN A 326 8.07 -7.04 -20.11
N THR A 327 7.86 -6.19 -21.11
CA THR A 327 8.85 -5.19 -21.47
C THR A 327 9.02 -4.13 -20.38
N ILE A 328 10.13 -3.40 -20.47
CA ILE A 328 10.32 -2.16 -19.72
C ILE A 328 10.76 -1.09 -20.71
N VAL A 329 10.15 0.10 -20.58
CA VAL A 329 10.34 1.15 -21.57
C VAL A 329 11.81 1.59 -21.61
N ASP A 330 12.19 2.17 -22.75
CA ASP A 330 13.53 2.72 -22.92
C ASP A 330 13.78 3.90 -21.99
N THR A 331 12.72 4.54 -21.51
CA THR A 331 12.83 5.76 -20.71
C THR A 331 13.03 5.49 -19.23
N TYR A 332 12.53 4.35 -18.73
CA TYR A 332 12.58 4.04 -17.31
C TYR A 332 13.83 3.22 -17.01
N ILE A 333 14.66 3.71 -16.10
CA ILE A 333 15.84 3.00 -15.61
C ILE A 333 15.61 2.65 -14.15
N PRO A 334 15.77 1.39 -13.76
CA PRO A 334 15.54 1.01 -12.35
C PRO A 334 16.56 1.67 -11.44
N THR A 335 16.05 2.35 -10.40
CA THR A 335 16.88 3.13 -9.50
C THR A 335 17.17 2.41 -8.18
N ILE A 336 16.43 1.36 -7.86
CA ILE A 336 16.53 0.68 -6.58
C ILE A 336 17.10 -0.72 -6.80
N LYS A 337 18.11 -1.07 -6.02
CA LYS A 337 18.77 -2.37 -6.10
C LYS A 337 18.33 -3.17 -4.88
N CYS A 338 17.57 -4.24 -5.12
CA CYS A 338 16.97 -5.02 -4.05
C CYS A 338 17.77 -6.29 -3.83
N SER A 339 17.93 -6.67 -2.58
CA SER A 339 18.65 -7.88 -2.25
C SER A 339 17.76 -9.10 -2.50
N PRO A 340 18.37 -10.25 -2.80
CA PRO A 340 17.58 -11.50 -2.76
C PRO A 340 17.00 -11.77 -1.39
N LEU A 341 17.70 -11.36 -0.33
CA LEU A 341 17.14 -11.43 1.02
C LEU A 341 15.85 -10.64 1.11
N TYR A 342 15.88 -9.37 0.71
CA TYR A 342 14.68 -8.53 0.71
C TYR A 342 13.55 -9.16 -0.10
N LYS A 343 13.84 -9.51 -1.36
CA LYS A 343 12.84 -10.16 -2.21
C LYS A 343 12.23 -11.37 -1.53
N SER A 344 13.06 -12.19 -0.87
CA SER A 344 12.56 -13.41 -0.25
C SER A 344 11.68 -13.08 0.94
N GLN A 345 12.13 -12.16 1.80
CA GLN A 345 11.33 -11.72 2.93
C GLN A 345 9.95 -11.27 2.49
N LYS A 346 9.89 -10.44 1.45
CA LYS A 346 8.60 -9.91 1.00
C LYS A 346 7.74 -11.01 0.38
N SER A 347 8.35 -11.86 -0.45
CA SER A 347 7.59 -12.90 -1.13
C SER A 347 6.99 -13.87 -0.13
N LEU A 348 7.80 -14.37 0.81
CA LEU A 348 7.24 -15.28 1.80
C LEU A 348 6.30 -14.58 2.75
N ALA A 349 6.45 -13.28 2.99
CA ALA A 349 5.43 -12.58 3.77
C ALA A 349 4.08 -12.69 3.07
N LEU A 350 4.05 -12.46 1.75
CA LEU A 350 2.78 -12.57 1.04
C LEU A 350 2.27 -14.01 1.03
N ARG A 351 3.17 -14.97 0.87
CA ARG A 351 2.76 -16.38 0.86
C ARG A 351 2.18 -16.77 2.21
N ARG A 352 2.83 -16.37 3.30
CA ARG A 352 2.33 -16.64 4.64
C ARG A 352 0.96 -16.02 4.86
N LYS A 353 0.77 -14.77 4.41
CA LYS A 353 -0.54 -14.14 4.59
C LYS A 353 -1.62 -14.88 3.81
N LEU A 354 -1.31 -15.34 2.60
CA LEU A 354 -2.29 -16.11 1.85
C LEU A 354 -2.63 -17.43 2.55
N ILE A 355 -1.60 -18.12 3.05
CA ILE A 355 -1.81 -19.32 3.85
C ILE A 355 -2.73 -19.03 5.03
N GLY A 356 -2.46 -17.93 5.74
CA GLY A 356 -3.28 -17.57 6.88
C GLY A 356 -4.72 -17.30 6.50
N SER A 357 -4.97 -16.76 5.32
CA SER A 357 -6.35 -16.56 4.89
C SER A 357 -7.02 -17.90 4.59
N CYS A 358 -6.27 -18.82 3.96
CA CYS A 358 -6.81 -20.15 3.73
C CYS A 358 -7.17 -20.82 5.05
N PHE A 359 -6.33 -20.67 6.07
CA PHE A 359 -6.64 -21.27 7.36
C PHE A 359 -7.80 -20.57 8.05
N LYS A 360 -7.92 -19.24 7.88
CA LYS A 360 -9.09 -18.54 8.39
C LYS A 360 -10.36 -19.10 7.78
N LEU A 361 -10.30 -19.57 6.54
CA LEU A 361 -11.45 -20.28 5.99
C LEU A 361 -11.62 -21.66 6.61
N LEU A 362 -10.52 -22.41 6.79
CA LEU A 362 -10.65 -23.81 7.21
C LEU A 362 -11.01 -23.95 8.68
N LEU A 363 -10.38 -23.17 9.58
CA LEU A 363 -10.60 -23.41 11.01
C LEU A 363 -12.01 -23.09 11.49
N ARG A 364 -12.84 -22.40 10.71
CA ARG A 364 -14.19 -22.11 11.17
C ARG A 364 -15.06 -23.36 11.23
N VAL A 365 -14.73 -24.38 10.43
CA VAL A 365 -15.62 -25.53 10.26
C VAL A 365 -15.63 -26.37 11.54
N PRO A 366 -16.79 -26.84 11.99
CA PRO A 366 -16.82 -27.78 13.13
C PRO A 366 -16.02 -29.04 12.84
N ASP A 367 -15.48 -29.63 13.90
CA ASP A 367 -14.61 -30.79 13.80
C ASP A 367 -15.30 -31.94 13.07
N GLY A 368 -14.55 -32.60 12.18
CA GLY A 368 -15.06 -33.72 11.43
C GLY A 368 -15.76 -33.33 10.14
N HIS A 369 -16.89 -32.65 10.25
CA HIS A 369 -17.67 -32.27 9.08
C HIS A 369 -16.84 -31.36 8.17
N ARG A 370 -16.98 -31.55 6.86
CA ARG A 370 -16.28 -30.71 5.90
C ARG A 370 -17.13 -30.58 4.64
N LEU A 371 -16.79 -29.58 3.82
CA LEU A 371 -17.48 -29.36 2.55
C LEU A 371 -16.49 -29.12 1.41
N ARG A 375 -12.85 -30.08 -2.32
CA ARG A 375 -11.41 -30.06 -2.09
C ARG A 375 -11.07 -29.28 -0.83
N ILE A 376 -11.98 -29.31 0.15
CA ILE A 376 -11.80 -28.60 1.41
C ILE A 376 -11.02 -29.54 2.33
N VAL A 377 -9.69 -29.46 2.26
CA VAL A 377 -8.81 -30.34 3.04
C VAL A 377 -8.56 -29.63 4.37
N ALA A 378 -9.47 -29.84 5.33
CA ALA A 378 -9.25 -29.37 6.69
C ALA A 378 -8.07 -30.13 7.30
N ASP A 379 -6.97 -29.43 7.55
CA ASP A 379 -5.77 -29.89 8.24
C ASP A 379 -4.98 -30.90 7.41
N ASP A 380 -5.47 -31.28 6.22
CA ASP A 380 -4.64 -31.99 5.25
C ASP A 380 -3.77 -31.01 4.49
N VAL A 381 -4.34 -29.84 4.13
CA VAL A 381 -3.55 -28.77 3.57
C VAL A 381 -2.49 -28.31 4.58
N ILE A 382 -2.78 -28.42 5.87
CA ILE A 382 -1.78 -28.08 6.89
C ILE A 382 -0.54 -28.94 6.72
N GLN A 383 -0.72 -30.26 6.76
CA GLN A 383 0.43 -31.16 6.61
C GLN A 383 1.05 -31.03 5.23
N GLY A 384 0.24 -30.77 4.20
CA GLY A 384 0.79 -30.55 2.87
C GLY A 384 1.73 -29.36 2.83
N ILE A 385 1.27 -28.22 3.33
CA ILE A 385 2.10 -27.02 3.40
C ILE A 385 3.35 -27.29 4.23
N SER A 386 3.21 -28.02 5.33
CA SER A 386 4.36 -28.33 6.16
C SER A 386 5.39 -29.13 5.38
N ARG A 387 4.92 -30.15 4.65
CA ARG A 387 5.81 -30.94 3.80
C ARG A 387 6.50 -30.06 2.77
N THR A 388 5.73 -29.25 2.05
CA THR A 388 6.29 -28.40 1.01
C THR A 388 7.33 -27.44 1.60
N LEU A 389 7.05 -26.88 2.77
CA LEU A 389 8.03 -26.05 3.46
C LEU A 389 9.30 -26.82 3.76
N ALA A 390 9.16 -28.06 4.22
CA ALA A 390 10.33 -28.90 4.49
C ALA A 390 11.15 -29.15 3.24
N SER A 391 10.50 -29.20 2.07
CA SER A 391 11.10 -29.63 0.82
C SER A 391 12.05 -28.62 0.20
N PHE A 392 12.23 -27.43 0.77
CA PHE A 392 13.06 -26.44 0.10
C PHE A 392 14.50 -26.50 0.61
N ASN A 393 15.40 -25.84 -0.11
CA ASN A 393 16.84 -26.03 0.07
C ASN A 393 17.57 -24.86 0.70
N ASP A 394 16.94 -23.70 0.86
CA ASP A 394 17.61 -22.53 1.41
C ASP A 394 17.14 -22.31 2.85
N ILE A 395 18.08 -22.35 3.79
CA ILE A 395 17.74 -22.08 5.19
C ILE A 395 17.20 -20.67 5.37
N LEU A 396 17.86 -19.68 4.78
CA LEU A 396 17.42 -18.30 5.01
C LEU A 396 16.12 -18.02 4.29
N GLN A 397 15.97 -18.53 3.07
CA GLN A 397 14.72 -18.35 2.34
C GLN A 397 13.56 -19.04 3.04
N PHE A 398 13.82 -20.08 3.83
CA PHE A 398 12.77 -20.76 4.58
C PHE A 398 12.63 -20.23 6.00
N LYS A 399 13.59 -19.43 6.47
CA LYS A 399 13.51 -18.84 7.80
C LYS A 399 12.65 -17.58 7.80
N LYS A 400 12.75 -16.77 6.74
CA LYS A 400 11.93 -15.57 6.63
C LYS A 400 10.45 -15.90 6.51
N PHE A 401 10.10 -17.17 6.27
CA PHE A 401 8.72 -17.61 6.44
C PHE A 401 8.30 -17.51 7.89
N PHE A 402 9.09 -18.11 8.79
CA PHE A 402 8.68 -18.21 10.19
C PHE A 402 8.96 -16.93 10.97
N MSE A 403 10.08 -16.26 10.71
CA MSE A 403 10.40 -15.05 11.48
C MSE A 403 9.47 -13.91 11.12
O MSE A 403 9.61 -13.28 10.06
CB MSE A 403 11.86 -14.64 11.26
N THR A 404 8.52 -13.64 12.00
CA THR A 404 7.54 -12.57 11.85
C THR A 404 7.43 -11.79 13.14
N GLU A 405 6.74 -10.66 13.09
CA GLU A 405 6.35 -9.92 14.29
C GLU A 405 4.84 -9.74 14.22
N ASN A 406 4.08 -10.72 14.71
CA ASN A 406 2.63 -10.60 14.74
C ASN A 406 2.06 -11.58 15.76
N LEU A 407 1.42 -11.07 16.80
CA LEU A 407 0.65 -11.94 17.69
C LEU A 407 -0.50 -12.62 16.97
N SER A 408 -1.06 -11.96 15.95
CA SER A 408 -2.13 -12.55 15.17
C SER A 408 -1.68 -13.71 14.31
N GLN A 409 -0.40 -14.09 14.36
CA GLN A 409 0.08 -15.30 13.72
C GLN A 409 0.02 -16.51 14.64
N GLU A 410 -0.64 -16.37 15.80
CA GLU A 410 -0.89 -17.53 16.66
C GLU A 410 -1.78 -18.55 15.96
N SER A 411 -2.80 -18.07 15.24
CA SER A 411 -3.85 -18.96 14.75
C SER A 411 -3.33 -19.97 13.75
N TYR A 412 -2.42 -19.55 12.86
CA TYR A 412 -2.00 -20.41 11.76
C TYR A 412 -0.50 -20.70 11.73
N PHE A 413 0.34 -19.76 12.17
CA PHE A 413 1.78 -19.89 11.94
C PHE A 413 2.46 -20.79 12.95
N ILE A 414 1.71 -21.56 13.73
CA ILE A 414 2.32 -22.63 14.52
C ILE A 414 2.00 -23.98 13.89
N PRO A 415 2.82 -24.49 12.97
CA PRO A 415 2.70 -25.88 12.54
C PRO A 415 3.56 -26.79 13.39
N LEU A 416 3.03 -27.96 13.73
CA LEU A 416 3.86 -29.02 14.30
C LEU A 416 4.59 -29.73 13.16
N LEU A 417 5.47 -28.97 12.50
CA LEU A 417 6.29 -29.48 11.42
C LEU A 417 7.47 -30.24 12.03
N ALA A 418 7.12 -31.33 12.70
CA ALA A 418 8.08 -32.27 13.24
C ALA A 418 8.42 -33.36 12.23
N GLU A 419 8.00 -33.19 10.97
CA GLU A 419 8.26 -34.19 9.95
C GLU A 419 9.69 -34.03 9.41
N GLY A 420 10.63 -34.10 10.35
CA GLY A 420 12.04 -34.24 10.08
C GLY A 420 12.43 -35.65 10.46
N THR A 421 11.40 -36.51 10.55
CA THR A 421 11.60 -37.88 11.01
C THR A 421 12.55 -38.64 10.11
N LEU A 422 12.40 -38.48 8.79
CA LEU A 422 13.32 -39.10 7.85
C LEU A 422 14.17 -38.05 7.14
N ARG A 491 27.51 -34.31 -1.24
CA ARG A 491 27.20 -33.19 -0.36
C ARG A 491 26.22 -33.62 0.74
N TYR A 492 26.45 -34.79 1.32
CA TYR A 492 25.59 -35.26 2.40
C TYR A 492 25.76 -34.41 3.65
N LEU A 493 26.93 -33.82 3.85
CA LEU A 493 27.13 -32.95 4.99
C LEU A 493 26.39 -31.63 4.83
N LEU A 494 26.27 -31.14 3.59
CA LEU A 494 25.55 -29.89 3.36
C LEU A 494 24.05 -30.09 3.57
N HIS A 495 23.49 -31.15 3.01
CA HIS A 495 22.07 -31.42 3.23
C HIS A 495 21.79 -31.79 4.68
N LEU A 496 22.72 -32.46 5.36
CA LEU A 496 22.55 -32.72 6.79
C LEU A 496 22.53 -31.43 7.58
N ILE A 497 23.45 -30.52 7.28
CA ILE A 497 23.44 -29.19 7.88
C ILE A 497 22.09 -28.52 7.65
N GLY A 498 21.60 -28.57 6.41
CA GLY A 498 20.31 -27.97 6.11
C GLY A 498 19.19 -28.57 6.93
N THR A 499 19.22 -29.89 7.13
CA THR A 499 18.14 -30.53 7.89
C THR A 499 18.21 -30.17 9.37
N GLU A 500 19.42 -30.04 9.91
CA GLU A 500 19.54 -29.71 11.32
C GLU A 500 19.20 -28.25 11.58
N ALA A 501 19.62 -27.38 10.67
CA ALA A 501 19.16 -26.00 10.70
C ALA A 501 17.64 -25.91 10.62
N ILE A 502 17.03 -26.71 9.75
CA ILE A 502 15.57 -26.79 9.67
C ILE A 502 14.99 -27.12 11.04
N LEU A 503 15.55 -28.15 11.69
CA LEU A 503 15.04 -28.58 12.99
C LEU A 503 15.12 -27.46 14.01
N ASP A 504 16.32 -26.95 14.28
CA ASP A 504 16.44 -25.97 15.36
C ASP A 504 15.79 -24.63 15.00
N ALA A 505 15.62 -24.33 13.71
CA ALA A 505 14.86 -23.14 13.33
C ALA A 505 13.38 -23.33 13.59
N LYS A 506 12.87 -24.53 13.36
CA LYS A 506 11.50 -24.84 13.72
C LYS A 506 11.29 -24.77 15.23
N GLU A 507 12.33 -25.08 16.01
CA GLU A 507 12.16 -25.06 17.46
C GLU A 507 12.34 -23.67 18.05
N GLN A 508 13.09 -22.79 17.39
CA GLN A 508 13.17 -21.40 17.86
C GLN A 508 11.80 -20.74 17.84
N LEU A 509 10.96 -21.09 16.87
CA LEU A 509 9.63 -20.51 16.82
C LEU A 509 8.78 -20.96 17.98
N GLU A 510 8.96 -22.22 18.41
CA GLU A 510 8.18 -22.71 19.54
C GLU A 510 8.67 -22.08 20.83
N MSE A 511 9.98 -21.86 20.97
CA MSE A 511 10.46 -21.20 22.19
C MSE A 511 9.89 -19.79 22.23
O MSE A 511 9.46 -19.32 23.28
CB MSE A 511 12.00 -21.17 22.31
CG MSE A 511 12.71 -20.26 21.34
SE MSE A 511 14.62 -20.04 21.66
CE MSE A 511 14.54 -18.80 23.16
N LEU A 512 9.83 -19.13 21.07
CA LEU A 512 9.38 -17.74 21.05
C LEU A 512 7.89 -17.64 21.36
N HIS A 513 7.08 -18.48 20.71
CA HIS A 513 5.65 -18.46 20.97
C HIS A 513 5.33 -18.84 22.41
N ALA A 514 6.05 -19.84 22.96
CA ALA A 514 5.85 -20.19 24.35
C ALA A 514 6.24 -19.05 25.28
N ILE A 515 7.27 -18.29 24.91
CA ILE A 515 7.72 -17.19 25.76
C ILE A 515 6.70 -16.06 25.76
N GLU A 516 6.12 -15.77 24.60
CA GLU A 516 5.19 -14.64 24.54
C GLU A 516 3.86 -14.97 25.20
N LYS A 517 3.40 -16.22 25.09
CA LYS A 517 2.11 -16.60 25.64
C LYS A 517 2.14 -16.80 27.15
N ASN A 518 3.30 -16.70 27.77
CA ASN A 518 3.42 -16.82 29.23
C ASN A 518 2.58 -15.79 29.96
N UNK A 557 28.23 0.79 -1.33
CA UNK A 557 26.83 0.85 -0.91
C UNK A 557 26.26 -0.55 -0.76
N UNK A 558 25.58 -1.01 -1.81
CA UNK A 558 24.80 -2.26 -1.78
C UNK A 558 25.55 -3.48 -1.26
N UNK A 559 26.88 -3.42 -1.27
CA UNK A 559 27.69 -4.53 -0.79
C UNK A 559 27.49 -4.73 0.71
N UNK A 560 28.11 -3.86 1.49
CA UNK A 560 28.07 -3.97 2.94
C UNK A 560 26.66 -3.80 3.50
N UNK A 561 25.78 -3.17 2.70
CA UNK A 561 24.41 -2.93 3.13
C UNK A 561 23.65 -4.24 3.27
N UNK A 562 23.76 -5.10 2.27
CA UNK A 562 23.08 -6.40 2.28
C UNK A 562 23.52 -7.22 3.48
N UNK A 563 24.77 -7.03 3.89
CA UNK A 563 25.29 -7.71 5.07
C UNK A 563 24.57 -7.21 6.31
N UNK A 564 24.35 -5.91 6.37
CA UNK A 564 23.66 -5.31 7.51
C UNK A 564 22.19 -5.73 7.49
N UNK A 565 21.64 -5.89 6.29
CA UNK A 565 20.25 -6.31 6.14
C UNK A 565 20.07 -7.73 6.67
N UNK A 566 21.13 -8.52 6.59
CA UNK A 566 21.09 -9.90 7.06
C UNK A 566 20.95 -9.95 8.58
N UNK A 567 21.90 -9.32 9.27
CA UNK A 567 21.95 -9.34 10.74
C UNK A 567 20.67 -8.80 11.36
N UNK A 568 20.00 -7.89 10.66
CA UNK A 568 18.74 -7.32 11.14
C UNK A 568 17.69 -8.41 11.25
N UNK A 569 17.77 -9.40 10.35
CA UNK A 569 16.81 -10.49 10.33
C UNK A 569 17.20 -11.59 11.32
N UNK A 570 17.91 -11.21 12.38
CA UNK A 570 18.32 -12.17 13.40
C UNK A 570 17.72 -11.81 14.75
N UNK A 571 18.03 -10.61 15.24
CA UNK A 571 17.58 -10.18 16.56
C UNK A 571 16.11 -9.78 16.59
N UNK A 572 15.30 -10.47 15.79
CA UNK A 572 13.87 -10.19 15.74
C UNK A 572 13.09 -11.45 15.40
N UNK A 573 37.28 -29.68 7.35
CA UNK A 573 36.09 -29.61 8.18
C UNK A 573 35.32 -30.92 8.13
N UNK A 574 36.05 -32.03 8.06
CA UNK A 574 35.44 -33.34 7.97
C UNK A 574 34.87 -33.79 9.31
N UNK A 575 35.56 -34.72 9.97
CA UNK A 575 35.11 -35.24 11.25
C UNK A 575 35.32 -34.23 12.37
N UNK A 576 35.82 -33.05 12.01
CA UNK A 576 36.03 -31.97 12.98
C UNK A 576 34.71 -31.28 13.34
N UNK A 577 33.60 -31.97 13.09
CA UNK A 577 32.28 -31.44 13.41
C UNK A 577 31.44 -32.49 14.12
N UNK A 578 31.70 -33.76 13.82
CA UNK A 578 30.93 -34.87 14.36
C UNK A 578 30.87 -34.84 15.89
N UNK A 579 32.00 -35.11 16.53
CA UNK A 579 32.09 -35.03 17.98
C UNK A 579 32.02 -33.57 18.42
N UNK A 580 32.37 -32.68 17.50
CA UNK A 580 32.37 -31.25 17.78
C UNK A 580 30.96 -30.68 17.71
N UNK A 581 29.96 -31.55 17.74
CA UNK A 581 28.57 -31.14 17.82
C UNK A 581 27.97 -31.65 19.12
N UNK A 582 28.45 -32.80 19.56
CA UNK A 582 27.98 -33.43 20.79
C UNK A 582 28.20 -32.51 21.98
N UNK A 583 29.13 -31.58 21.85
CA UNK A 583 29.35 -30.57 22.87
C UNK A 583 28.08 -29.76 23.07
N UNK A 584 27.72 -28.97 22.05
CA UNK A 584 26.53 -28.15 22.11
C UNK A 584 25.28 -29.00 22.20
N UNK A 585 25.30 -30.16 21.55
CA UNK A 585 24.16 -31.08 21.57
C UNK A 585 23.89 -31.55 22.99
N UNK A 586 24.93 -31.63 23.80
CA UNK A 586 24.78 -32.01 25.19
C UNK A 586 25.03 -30.81 26.11
N UNK A 587 25.03 -29.62 25.52
CA UNK A 587 25.17 -28.39 26.30
C UNK A 587 23.81 -27.74 26.51
N UNK A 588 23.20 -27.32 25.41
CA UNK A 588 21.88 -26.67 25.47
C UNK A 588 20.80 -27.67 25.83
N UNK A 589 21.16 -28.94 25.89
CA UNK A 589 20.24 -30.00 26.30
C UNK A 589 19.80 -29.78 27.74
N UNK A 590 20.73 -29.95 28.67
CA UNK A 590 20.45 -29.78 30.10
C UNK A 590 20.03 -28.34 30.38
N UNK A 591 20.59 -27.41 29.62
CA UNK A 591 20.29 -25.98 29.78
C UNK A 591 18.80 -25.70 29.56
N UNK A 592 18.22 -26.39 28.60
CA UNK A 592 16.80 -26.20 28.28
C UNK A 592 15.92 -26.94 29.28
N UNK A 593 16.56 -27.56 30.27
CA UNK A 593 15.82 -28.25 31.33
C UNK A 593 15.98 -27.49 32.64
N UNK A 594 17.07 -26.74 32.74
CA UNK A 594 17.33 -25.94 33.93
C UNK A 594 16.26 -24.87 34.09
N UNK A 595 15.97 -24.17 33.00
CA UNK A 595 14.90 -23.19 32.99
C UNK A 595 13.56 -23.91 33.07
N UNK A 596 13.50 -25.08 32.45
CA UNK A 596 12.27 -25.87 32.44
C UNK A 596 12.18 -26.78 33.66
N UNK A 597 12.95 -26.46 34.69
CA UNK A 597 12.89 -27.22 35.94
C UNK A 597 11.61 -26.89 36.67
N UNK A 598 11.68 -25.92 37.58
CA UNK A 598 10.51 -25.49 38.34
C UNK A 598 9.61 -24.61 37.48
N UNK A 599 -5.93 -30.20 -2.84
CA UNK A 599 -4.96 -31.19 -3.30
C UNK A 599 -3.87 -30.54 -4.13
N UNK A 600 -3.78 -29.21 -4.07
CA UNK A 600 -2.82 -28.49 -4.89
C UNK A 600 -2.44 -27.13 -4.30
N UNK A 601 -3.02 -26.79 -3.15
CA UNK A 601 -2.78 -25.50 -2.52
C UNK A 601 -1.31 -25.26 -2.24
N UNK A 602 -0.67 -26.24 -1.62
CA UNK A 602 0.74 -26.13 -1.27
C UNK A 602 1.58 -26.02 -2.53
N UNK A 603 1.16 -26.71 -3.59
CA UNK A 603 1.86 -26.66 -4.86
C UNK A 603 1.81 -25.25 -5.42
N UNK A 604 0.61 -24.67 -5.41
CA UNK A 604 0.41 -23.33 -5.91
C UNK A 604 1.12 -22.31 -5.02
N UNK A 605 0.75 -22.30 -3.74
CA UNK A 605 1.22 -21.26 -2.82
C UNK A 605 2.70 -21.35 -2.48
N UNK A 606 3.55 -21.60 -3.47
CA UNK A 606 4.99 -21.70 -3.22
C UNK A 606 5.83 -21.71 -4.50
N UNK A 607 5.18 -21.46 -5.64
CA UNK A 607 5.86 -21.53 -6.93
C UNK A 607 7.05 -20.56 -7.00
N SER B 102 18.52 21.55 -5.68
CA SER B 102 17.75 21.53 -6.91
C SER B 102 18.64 21.29 -8.12
N ARG B 103 18.94 20.02 -8.38
CA ARG B 103 19.86 19.62 -9.45
C ARG B 103 19.33 18.34 -10.07
N TYR B 104 20.10 17.78 -11.00
CA TYR B 104 19.67 16.63 -11.78
C TYR B 104 20.07 15.32 -11.11
N ASP B 105 19.21 14.32 -11.26
CA ASP B 105 19.46 13.00 -10.71
C ASP B 105 20.74 12.40 -11.32
N ASN B 106 21.51 11.72 -10.47
CA ASN B 106 22.80 11.17 -10.87
C ASN B 106 22.72 9.73 -11.36
N LEU B 107 21.53 9.12 -11.31
CA LEU B 107 21.25 7.75 -11.74
C LEU B 107 21.77 6.70 -10.77
N CYS B 108 22.38 7.11 -9.66
CA CYS B 108 22.96 6.19 -8.71
C CYS B 108 21.90 5.24 -8.15
N THR B 109 22.36 4.19 -7.48
CA THR B 109 21.53 3.07 -7.07
C THR B 109 21.40 3.04 -5.55
N ILE B 110 20.21 2.72 -5.08
CA ILE B 110 19.81 2.93 -3.69
C ILE B 110 19.28 1.64 -3.09
N PHE B 111 19.48 1.50 -1.79
CA PHE B 111 18.93 0.39 -1.04
C PHE B 111 17.45 0.67 -0.75
N PRO B 112 16.67 -0.36 -0.46
CA PRO B 112 15.25 -0.15 -0.14
C PRO B 112 15.05 0.87 0.98
N VAL B 113 14.12 1.80 0.74
CA VAL B 113 13.86 2.87 1.70
C VAL B 113 13.49 2.30 3.05
N ASN B 114 12.68 1.24 3.07
CA ASN B 114 12.31 0.59 4.32
C ASN B 114 13.53 0.26 5.15
N LYS B 115 14.51 -0.39 4.52
CA LYS B 115 15.70 -0.82 5.26
C LYS B 115 16.55 0.37 5.66
N MSE B 116 16.67 1.36 4.79
CA MSE B 116 17.39 2.58 5.12
C MSE B 116 16.84 3.19 6.39
O MSE B 116 17.58 3.54 7.31
CB MSE B 116 17.30 3.60 3.97
CG MSE B 116 18.32 3.36 2.88
SE MSE B 116 18.84 4.99 1.96
CE MSE B 116 17.15 5.43 1.12
N LEU B 117 15.51 3.32 6.44
CA LEU B 117 14.85 3.84 7.64
C LEU B 117 15.16 2.97 8.85
N LYS B 118 14.89 1.66 8.75
CA LYS B 118 15.12 0.77 9.89
C LYS B 118 16.54 0.91 10.44
N PHE B 119 17.54 0.85 9.55
CA PHE B 119 18.92 1.07 9.95
C PHE B 119 19.08 2.42 10.65
N LEU B 120 18.54 3.48 10.03
CA LEU B 120 18.63 4.81 10.62
C LEU B 120 17.96 4.90 11.99
N MSE B 121 17.00 4.03 12.26
CA MSE B 121 16.31 4.03 13.55
C MSE B 121 17.23 3.57 14.68
O MSE B 121 17.05 3.97 15.83
CB MSE B 121 15.08 3.12 13.49
CG MSE B 121 13.78 3.86 13.20
SE MSE B 121 13.36 5.18 14.57
CE MSE B 121 13.43 4.03 16.13
N TYR B 122 18.22 2.72 14.34
CA TYR B 122 19.13 2.21 15.35
C TYR B 122 20.02 3.29 15.96
N PHE B 123 20.13 4.46 15.34
CA PHE B 123 20.92 5.54 15.88
C PHE B 123 20.18 6.37 16.93
N TYR B 124 18.93 6.05 17.24
CA TYR B 124 18.11 6.93 18.04
C TYR B 124 18.37 6.68 19.52
N SER B 125 19.12 7.59 20.13
CA SER B 125 19.28 7.70 21.57
C SER B 125 18.39 8.79 22.16
N ASP B 126 17.32 9.17 21.44
CA ASP B 126 16.67 10.45 21.63
C ASP B 126 16.05 10.63 23.02
N ASP B 127 16.05 9.59 23.85
CA ASP B 127 15.56 9.77 25.22
C ASP B 127 16.46 10.72 26.01
N ASP B 128 17.74 10.38 26.14
CA ASP B 128 18.64 11.13 27.02
C ASP B 128 19.77 11.83 26.29
N ASN B 129 20.53 11.14 25.44
CA ASN B 129 21.68 11.73 24.78
C ASN B 129 21.30 12.98 23.99
N ASP B 130 22.03 14.06 24.21
CA ASP B 130 21.54 15.39 23.86
C ASP B 130 21.81 15.75 22.40
N ASP B 131 23.08 15.73 21.99
CA ASP B 131 23.46 16.37 20.74
C ASP B 131 23.23 15.50 19.50
N VAL B 132 22.90 14.22 19.67
CA VAL B 132 22.76 13.32 18.53
C VAL B 132 21.39 13.43 17.89
N ARG B 133 20.35 13.62 18.71
CA ARG B 133 18.97 13.43 18.27
C ARG B 133 18.46 14.58 17.41
N GLU B 134 19.26 15.61 17.19
CA GLU B 134 18.93 16.61 16.19
C GLU B 134 19.55 16.27 14.85
N PHE B 135 20.84 15.90 14.84
CA PHE B 135 21.46 15.40 13.63
C PHE B 135 20.68 14.23 13.04
N PHE B 136 20.21 13.30 13.88
CA PHE B 136 19.43 12.17 13.38
C PHE B 136 18.15 12.64 12.71
N LEU B 137 17.39 13.50 13.40
CA LEU B 137 16.12 13.98 12.86
C LEU B 137 16.33 14.73 11.55
N LYS B 138 17.33 15.61 11.50
CA LYS B 138 17.61 16.34 10.27
C LYS B 138 18.02 15.39 9.15
N ALA B 139 18.84 14.39 9.46
CA ALA B 139 19.14 13.34 8.49
C ALA B 139 17.87 12.73 7.94
N PHE B 140 16.90 12.47 8.81
CA PHE B 140 15.67 11.81 8.36
C PHE B 140 14.81 12.75 7.54
N ILE B 141 14.80 14.03 7.88
CA ILE B 141 14.05 15.01 7.09
C ILE B 141 14.65 15.14 5.70
N CYS B 142 15.98 15.27 5.62
CA CYS B 142 16.65 15.30 4.33
C CYS B 142 16.37 14.03 3.54
N LEU B 143 16.46 12.88 4.20
CA LEU B 143 16.27 11.60 3.51
C LEU B 143 14.88 11.52 2.90
N ILE B 144 13.83 11.59 3.73
CA ILE B 144 12.49 11.50 3.16
C ILE B 144 12.14 12.69 2.29
N LEU B 145 12.93 13.77 2.34
CA LEU B 145 12.78 14.84 1.38
C LEU B 145 13.49 14.55 0.07
N ASP B 146 14.42 13.58 0.06
CA ASP B 146 15.09 13.18 -1.17
C ASP B 146 14.07 12.78 -2.23
N ARG B 147 14.27 13.28 -3.44
CA ARG B 147 13.38 12.94 -4.55
CA ARG B 147 13.38 12.94 -4.55
C ARG B 147 13.40 11.44 -4.82
N LYS B 148 14.59 10.86 -4.93
CA LYS B 148 14.72 9.42 -5.10
C LYS B 148 13.96 8.66 -4.02
N VAL B 149 14.08 9.12 -2.77
CA VAL B 149 13.38 8.46 -1.67
C VAL B 149 11.87 8.63 -1.81
N PHE B 150 11.42 9.87 -2.01
CA PHE B 150 10.00 10.14 -2.19
C PHE B 150 9.39 9.23 -3.24
N ASN B 151 10.06 9.04 -4.37
CA ASN B 151 9.52 8.18 -5.41
C ASN B 151 9.68 6.70 -5.08
N ALA B 152 10.73 6.34 -4.36
CA ALA B 152 10.99 4.96 -3.97
C ALA B 152 10.34 4.57 -2.65
N MSE B 153 9.59 5.47 -2.04
CA MSE B 153 9.03 5.25 -0.72
C MSE B 153 7.97 4.15 -0.77
O MSE B 153 7.38 3.90 -1.82
CB MSE B 153 8.43 6.53 -0.17
CG MSE B 153 8.31 6.61 1.33
SE MSE B 153 8.35 8.45 1.96
CE MSE B 153 7.01 9.20 0.76
N GLU B 154 7.72 3.52 0.37
CA GLU B 154 6.68 2.50 0.43
C GLU B 154 5.31 3.15 0.33
N SER B 155 4.41 2.49 -0.40
CA SER B 155 3.07 3.05 -0.56
C SER B 155 2.29 3.02 0.74
N ASP B 156 2.58 2.06 1.62
CA ASP B 156 2.03 2.04 2.97
C ASP B 156 3.07 2.65 3.90
N HIS B 157 2.87 3.91 4.26
CA HIS B 157 3.85 4.65 5.06
C HIS B 157 3.55 4.38 6.53
N ARG B 158 4.33 3.48 7.14
CA ARG B 158 4.23 3.22 8.57
C ARG B 158 5.50 3.58 9.31
N LEU B 159 6.66 3.11 8.84
CA LEU B 159 7.91 3.36 9.54
C LEU B 159 8.18 4.85 9.70
N CYS B 160 7.97 5.63 8.64
CA CYS B 160 8.29 7.05 8.74
C CYS B 160 7.29 7.79 9.62
N PHE B 161 6.05 7.29 9.70
CA PHE B 161 5.14 7.78 10.73
C PHE B 161 5.65 7.43 12.12
N LYS B 162 6.11 6.19 12.31
CA LYS B 162 6.62 5.76 13.61
C LYS B 162 7.77 6.64 14.06
N VAL B 163 8.68 6.99 13.16
CA VAL B 163 9.82 7.80 13.57
C VAL B 163 9.43 9.27 13.71
N LEU B 164 8.50 9.77 12.89
CA LEU B 164 7.95 11.09 13.11
C LEU B 164 7.35 11.22 14.52
N GLU B 165 6.58 10.21 14.94
CA GLU B 165 5.82 10.30 16.17
C GLU B 165 6.71 10.36 17.41
N LEU B 166 7.99 9.99 17.30
CA LEU B 166 8.86 10.06 18.46
C LEU B 166 9.21 11.48 18.86
N PHE B 167 8.94 12.46 18.00
CA PHE B 167 9.07 13.88 18.31
C PHE B 167 7.69 14.52 18.27
N ASN B 168 7.54 15.66 18.95
CA ASN B 168 6.31 16.42 18.82
C ASN B 168 6.37 17.30 17.58
N GLU B 169 5.18 17.62 17.06
CA GLU B 169 5.07 18.32 15.79
C GLU B 169 5.93 19.58 15.74
N ALA B 170 5.86 20.42 16.79
CA ALA B 170 6.45 21.74 16.68
C ALA B 170 7.97 21.69 16.61
N HIS B 171 8.60 20.78 17.34
CA HIS B 171 10.04 20.60 17.23
C HIS B 171 10.42 20.13 15.83
N PHE B 172 9.61 19.24 15.27
CA PHE B 172 9.89 18.68 13.95
C PHE B 172 9.82 19.78 12.89
N ILE B 173 8.73 20.54 12.88
CA ILE B 173 8.61 21.69 12.00
C ILE B 173 9.75 22.68 12.23
N ASN B 174 10.10 22.94 13.49
CA ASN B 174 11.10 23.95 13.79
C ASN B 174 12.47 23.55 13.29
N SER B 175 12.74 22.25 13.18
CA SER B 175 13.97 21.82 12.53
C SER B 175 13.84 21.78 11.01
N TYR B 176 12.67 21.34 10.51
CA TYR B 176 12.43 21.32 9.07
C TYR B 176 12.60 22.69 8.45
N PHE B 177 12.26 23.75 9.18
CA PHE B 177 12.49 25.10 8.68
C PHE B 177 13.91 25.57 8.86
N GLU B 178 14.74 24.78 9.55
CA GLU B 178 16.19 24.97 9.49
C GLU B 178 16.80 24.26 8.29
N ILE B 179 16.18 23.17 7.85
CA ILE B 179 16.70 22.47 6.67
C ILE B 179 16.29 23.19 5.38
N VAL B 180 15.03 23.59 5.28
CA VAL B 180 14.49 24.12 4.03
C VAL B 180 14.37 25.64 4.12
N ASP B 181 14.49 26.29 2.96
CA ASP B 181 14.15 27.70 2.85
C ASP B 181 12.68 27.92 3.18
N LYS B 182 12.40 29.03 3.88
CA LYS B 182 11.05 29.34 4.30
C LYS B 182 10.04 29.26 3.16
N ASN B 183 10.41 29.76 1.98
CA ASN B 183 9.48 29.91 0.87
C ASN B 183 9.57 28.80 -0.17
N ASP B 184 10.24 27.69 0.14
CA ASP B 184 10.39 26.60 -0.81
C ASP B 184 9.17 25.69 -0.66
N PHE B 185 8.10 26.02 -1.39
CA PHE B 185 6.82 25.34 -1.22
C PHE B 185 6.74 24.01 -1.97
N PHE B 186 7.61 23.79 -2.95
CA PHE B 186 7.74 22.47 -3.56
C PHE B 186 7.95 21.40 -2.48
N LEU B 187 8.90 21.67 -1.58
CA LEU B 187 9.18 20.70 -0.52
C LEU B 187 8.14 20.75 0.59
N HIS B 188 7.57 21.93 0.88
CA HIS B 188 6.43 21.99 1.78
C HIS B 188 5.33 21.04 1.32
N TYR B 189 4.99 21.11 0.03
CA TYR B 189 3.96 20.25 -0.52
C TYR B 189 4.34 18.78 -0.42
N ARG B 190 5.60 18.45 -0.74
CA ARG B 190 5.94 17.03 -0.67
C ARG B 190 5.95 16.53 0.77
N LEU B 191 6.30 17.39 1.74
CA LEU B 191 6.24 16.98 3.13
C LEU B 191 4.80 16.74 3.58
N LEU B 192 3.88 17.62 3.16
CA LEU B 192 2.48 17.39 3.50
C LEU B 192 1.86 16.29 2.66
N GLN B 193 2.49 15.92 1.55
CA GLN B 193 2.15 14.67 0.88
C GLN B 193 2.52 13.49 1.76
N ILE B 194 3.66 13.57 2.44
CA ILE B 194 4.03 12.52 3.38
C ILE B 194 3.18 12.60 4.64
N PHE B 195 3.04 13.79 5.21
CA PHE B 195 2.36 14.00 6.49
C PHE B 195 1.32 15.10 6.37
N PRO B 196 0.16 14.83 5.76
CA PRO B 196 -0.86 15.88 5.64
C PRO B 196 -1.23 16.53 6.97
N HIS B 197 -1.22 15.77 8.06
CA HIS B 197 -1.68 16.28 9.34
C HIS B 197 -0.75 17.35 9.91
N LEU B 198 0.41 17.56 9.32
CA LEU B 198 1.29 18.63 9.77
C LEU B 198 0.93 19.98 9.20
N GLN B 199 -0.07 20.03 8.30
CA GLN B 199 -0.30 21.25 7.53
C GLN B 199 -0.40 22.48 8.41
N SER B 200 -1.32 22.46 9.37
CA SER B 200 -1.52 23.63 10.22
C SER B 200 -0.22 24.00 10.91
N ALA B 201 0.42 23.03 11.56
CA ALA B 201 1.68 23.30 12.22
C ALA B 201 2.64 24.03 11.28
N LEU B 202 2.81 23.47 10.08
CA LEU B 202 3.71 24.06 9.11
C LEU B 202 3.33 25.51 8.87
N LEU B 203 2.09 25.73 8.47
CA LEU B 203 1.64 27.09 8.17
C LEU B 203 1.93 28.01 9.35
N ARG B 204 1.62 27.55 10.57
CA ARG B 204 1.84 28.39 11.73
C ARG B 204 3.30 28.82 11.81
N ARG B 205 4.21 27.85 11.79
CA ARG B 205 5.62 28.17 11.86
C ARG B 205 6.01 29.16 10.78
N ARG B 206 5.50 28.97 9.56
CA ARG B 206 5.82 29.90 8.50
C ARG B 206 5.26 31.28 8.78
N PHE B 207 3.98 31.36 9.15
CA PHE B 207 3.28 32.64 9.12
C PHE B 207 2.99 33.22 10.50
N SER B 208 3.50 32.63 11.58
CA SER B 208 3.45 33.34 12.85
C SER B 208 4.47 34.47 12.84
N GLU B 209 4.26 35.44 13.74
CA GLU B 209 5.24 36.49 13.96
C GLU B 209 6.26 36.15 15.03
N LYS B 210 6.06 35.07 15.78
CA LYS B 210 6.99 34.61 16.80
C LYS B 210 7.27 35.70 17.84
N GLN B 211 6.20 36.11 18.53
CA GLN B 211 6.24 37.19 19.52
C GLN B 211 6.93 38.42 18.95
N GLY B 212 6.60 38.75 17.71
CA GLY B 212 7.01 39.98 17.05
C GLY B 212 5.91 41.01 17.08
N ARG B 213 5.81 41.79 16.01
CA ARG B 213 4.66 42.65 15.83
C ARG B 213 3.40 41.80 15.72
N THR B 214 2.26 42.42 16.04
CA THR B 214 1.01 41.68 16.17
C THR B 214 0.32 41.65 14.82
N GLU B 215 0.34 40.48 14.18
CA GLU B 215 -0.09 40.29 12.81
C GLU B 215 -0.83 38.96 12.72
N THR B 216 -1.68 38.84 11.71
CA THR B 216 -2.58 37.71 11.57
C THR B 216 -2.09 36.79 10.45
N ILE B 217 -2.28 35.48 10.67
CA ILE B 217 -1.80 34.48 9.72
C ILE B 217 -2.42 34.69 8.35
N GLN B 218 -3.72 34.96 8.30
CA GLN B 218 -4.38 35.13 7.00
C GLN B 218 -3.82 36.31 6.25
N GLN B 219 -3.54 37.42 6.95
CA GLN B 219 -2.97 38.59 6.29
C GLN B 219 -1.57 38.28 5.75
N ASN B 220 -0.72 37.66 6.56
CA ASN B 220 0.61 37.26 6.10
C ASN B 220 0.51 36.37 4.86
N ILE B 221 -0.43 35.43 4.87
CA ILE B 221 -0.62 34.55 3.72
C ILE B 221 -1.01 35.34 2.48
N ILE B 222 -2.05 36.17 2.58
CA ILE B 222 -2.45 36.99 1.44
C ILE B 222 -1.29 37.85 0.95
N LYS B 223 -0.51 38.38 1.88
CA LYS B 223 0.66 39.19 1.53
C LYS B 223 1.64 38.38 0.68
N GLU B 224 1.97 37.17 1.14
CA GLU B 224 2.91 36.36 0.36
C GLU B 224 2.31 35.93 -0.97
N PHE B 225 0.98 35.77 -1.03
CA PHE B 225 0.34 35.46 -2.30
C PHE B 225 0.50 36.61 -3.28
N ASN B 226 0.35 37.83 -2.79
CA ASN B 226 0.49 38.98 -3.68
C ASN B 226 1.95 39.23 -4.05
N GLU B 227 2.87 38.91 -3.15
CA GLU B 227 4.29 39.02 -3.49
C GLU B 227 4.66 38.04 -4.60
N PHE B 228 4.22 36.79 -4.47
CA PHE B 228 4.49 35.82 -5.53
C PHE B 228 3.76 36.19 -6.81
N PHE B 229 2.56 36.77 -6.70
CA PHE B 229 1.81 37.18 -7.89
C PHE B 229 2.53 38.31 -8.63
N ASP B 230 3.04 39.30 -7.90
CA ASP B 230 3.74 40.41 -8.54
C ASP B 230 5.15 40.04 -8.97
N CYS B 231 5.77 39.06 -8.34
CA CYS B 231 7.11 38.65 -8.72
C CYS B 231 7.11 37.68 -9.90
N LYS B 232 5.96 37.48 -10.53
CA LYS B 232 5.80 36.61 -11.70
C LYS B 232 6.32 35.20 -11.45
N ASN B 233 6.35 34.77 -10.19
CA ASN B 233 6.74 33.40 -9.84
C ASN B 233 5.45 32.60 -9.65
N TYR B 234 5.15 31.73 -10.61
CA TYR B 234 3.92 30.95 -10.57
C TYR B 234 4.11 29.53 -10.06
N LYS B 235 5.35 29.05 -9.98
CA LYS B 235 5.60 27.70 -9.48
C LYS B 235 5.45 27.65 -7.97
N ASN B 236 6.19 28.51 -7.26
CA ASN B 236 6.01 28.58 -5.81
C ASN B 236 4.61 29.04 -5.46
N LEU B 237 3.96 29.82 -6.32
CA LEU B 237 2.56 30.16 -6.08
C LEU B 237 1.67 28.93 -6.16
N LEU B 238 1.89 28.08 -7.17
CA LEU B 238 1.09 26.87 -7.31
C LEU B 238 1.24 25.96 -6.09
N TYR B 239 2.48 25.74 -5.66
CA TYR B 239 2.69 24.88 -4.49
C TYR B 239 2.22 25.56 -3.21
N PHE B 240 2.33 26.88 -3.12
CA PHE B 240 1.70 27.64 -2.04
C PHE B 240 0.21 27.35 -1.97
N ILE B 241 -0.46 27.36 -3.12
CA ILE B 241 -1.89 27.05 -3.16
C ILE B 241 -2.13 25.60 -2.74
N LEU B 242 -1.33 24.68 -3.28
CA LEU B 242 -1.48 23.27 -2.97
C LEU B 242 -1.20 22.96 -1.51
N THR B 243 -0.50 23.86 -0.81
CA THR B 243 -0.12 23.61 0.57
C THR B 243 -0.84 24.60 1.49
N MSE B 244 -2.04 25.02 1.09
CA MSE B 244 -2.79 25.91 1.95
C MSE B 244 -4.30 25.67 2.13
O MSE B 244 -4.90 26.20 3.06
CB MSE B 244 -2.56 27.32 1.40
CG MSE B 244 -2.96 28.46 2.25
SE MSE B 244 -2.50 29.99 1.17
CE MSE B 244 -3.29 29.44 -0.51
N TYR B 245 -4.90 24.86 1.26
CA TYR B 245 -6.36 24.79 1.26
C TYR B 245 -6.98 23.79 2.21
N GLY B 246 -6.21 23.03 2.96
CA GLY B 246 -6.85 22.24 3.98
C GLY B 246 -6.84 22.87 5.35
N SER B 247 -6.29 24.08 5.46
CA SER B 247 -6.20 24.77 6.73
C SER B 247 -7.56 25.27 7.17
N LYS B 248 -7.67 25.56 8.47
CA LYS B 248 -8.81 26.33 8.94
C LYS B 248 -8.69 27.79 8.55
N PHE B 249 -7.49 28.25 8.18
CA PHE B 249 -7.34 29.61 7.69
C PHE B 249 -7.84 29.75 6.26
N ILE B 250 -7.75 28.69 5.46
CA ILE B 250 -8.14 28.78 4.05
C ILE B 250 -9.02 27.57 3.72
N PRO B 251 -10.30 27.62 4.05
CA PRO B 251 -11.17 26.45 3.82
C PRO B 251 -11.45 26.19 2.35
N PHE B 252 -11.86 24.95 2.08
CA PHE B 252 -12.44 24.60 0.79
C PHE B 252 -13.83 25.23 0.67
N GLY B 253 -14.44 25.07 -0.50
CA GLY B 253 -15.80 25.49 -0.72
C GLY B 253 -15.96 26.94 -1.17
N PRO B 254 -17.18 27.27 -1.61
CA PRO B 254 -17.39 28.56 -2.28
C PRO B 254 -17.25 29.78 -1.38
N LYS B 255 -17.81 29.73 -0.17
CA LYS B 255 -18.11 30.93 0.61
C LYS B 255 -16.89 31.65 1.15
N CYS B 256 -15.67 31.21 0.85
CA CYS B 256 -14.47 31.87 1.34
C CYS B 256 -14.17 33.12 0.51
N GLN B 257 -14.14 34.28 1.16
CA GLN B 257 -13.77 35.52 0.48
C GLN B 257 -12.37 35.43 -0.13
N VAL B 258 -11.44 34.81 0.58
CA VAL B 258 -10.03 34.89 0.19
C VAL B 258 -9.78 34.08 -1.09
N THR B 259 -10.45 32.94 -1.22
CA THR B 259 -10.25 32.16 -2.44
C THR B 259 -10.96 32.82 -3.63
N GLU B 260 -12.07 33.52 -3.39
CA GLU B 260 -12.68 34.32 -4.45
C GLU B 260 -11.72 35.41 -4.91
N TYR B 261 -11.02 36.03 -3.97
CA TYR B 261 -9.98 36.99 -4.32
C TYR B 261 -8.91 36.36 -5.19
N PHE B 262 -8.36 35.23 -4.75
CA PHE B 262 -7.39 34.48 -5.54
C PHE B 262 -7.93 34.20 -6.94
N LYS B 263 -9.20 33.80 -7.03
CA LYS B 263 -9.78 33.44 -8.32
C LYS B 263 -9.89 34.65 -9.24
N ASP B 264 -10.32 35.79 -8.72
CA ASP B 264 -10.40 36.96 -9.58
C ASP B 264 -9.02 37.42 -10.02
N CYS B 265 -8.03 37.32 -9.14
CA CYS B 265 -6.66 37.65 -9.52
C CYS B 265 -6.17 36.78 -10.67
N ILE B 266 -6.29 35.45 -10.51
CA ILE B 266 -5.81 34.56 -11.57
C ILE B 266 -6.63 34.76 -12.85
N LEU B 267 -7.92 35.05 -12.71
CA LEU B 267 -8.74 35.33 -13.89
C LEU B 267 -8.18 36.51 -14.65
N ASP B 268 -7.93 37.62 -13.96
CA ASP B 268 -7.28 38.76 -14.59
C ASP B 268 -5.97 38.37 -15.27
N ILE B 269 -5.15 37.55 -14.62
CA ILE B 269 -3.79 37.33 -15.14
C ILE B 269 -3.69 36.18 -16.15
N SER B 270 -4.78 35.44 -16.38
CA SER B 270 -4.72 34.35 -17.35
C SER B 270 -4.59 34.86 -18.78
N ASN B 271 -4.87 36.12 -19.04
CA ASN B 271 -4.93 36.67 -20.39
C ASN B 271 -3.62 37.29 -20.86
N GLU B 272 -2.59 37.34 -20.02
CA GLU B 272 -1.38 38.06 -20.37
C GLU B 272 -0.51 37.28 -21.36
N THR B 273 -0.50 35.96 -21.27
CA THR B 273 0.20 35.10 -22.21
C THR B 273 -0.75 34.01 -22.68
N THR B 274 -0.67 33.67 -23.97
CA THR B 274 -1.66 32.78 -24.55
C THR B 274 -1.50 31.34 -24.07
N ASN B 275 -0.28 30.92 -23.74
CA ASN B 275 -0.08 29.56 -23.25
C ASN B 275 -0.15 29.50 -21.73
N ASP B 276 0.72 30.25 -21.04
CA ASP B 276 0.62 30.48 -19.60
C ASP B 276 0.27 29.22 -18.83
N VAL B 277 0.92 28.10 -19.17
CA VAL B 277 0.38 26.79 -18.79
C VAL B 277 0.34 26.64 -17.27
N GLU B 278 1.34 27.18 -16.58
CA GLU B 278 1.31 27.17 -15.12
C GLU B 278 0.10 27.94 -14.60
N ILE B 279 -0.29 29.00 -15.30
CA ILE B 279 -1.45 29.77 -14.88
C ILE B 279 -2.73 28.99 -15.15
N SER B 280 -2.81 28.31 -16.29
CA SER B 280 -3.98 27.49 -16.58
C SER B 280 -4.16 26.39 -15.52
N ILE B 281 -3.09 25.65 -15.20
CA ILE B 281 -3.20 24.63 -14.18
C ILE B 281 -3.55 25.25 -12.83
N LEU B 282 -3.10 26.50 -12.58
CA LEU B 282 -3.45 27.16 -11.34
C LEU B 282 -4.94 27.48 -11.27
N LYS B 283 -5.48 28.05 -12.36
CA LYS B 283 -6.92 28.29 -12.44
C LYS B 283 -7.71 27.01 -12.24
N GLY B 284 -7.21 25.89 -12.76
CA GLY B 284 -7.93 24.64 -12.61
C GLY B 284 -7.90 24.12 -11.18
N ILE B 285 -6.74 24.16 -10.55
CA ILE B 285 -6.62 23.79 -9.15
C ILE B 285 -7.58 24.61 -8.30
N LEU B 286 -7.64 25.92 -8.56
CA LEU B 286 -8.46 26.79 -7.72
C LEU B 286 -9.95 26.54 -7.98
N ASN B 287 -10.34 26.33 -9.23
CA ASN B 287 -11.70 25.89 -9.52
C ASN B 287 -12.07 24.65 -8.71
N LEU B 288 -11.25 23.59 -8.81
CA LEU B 288 -11.55 22.35 -8.11
C LEU B 288 -11.70 22.57 -6.61
N PHE B 289 -10.70 23.20 -6.01
CA PHE B 289 -10.74 23.45 -4.57
C PHE B 289 -11.95 24.28 -4.16
N SER B 290 -12.29 25.31 -4.95
CA SER B 290 -13.50 26.07 -4.68
C SER B 290 -14.76 25.22 -4.80
N LYS B 291 -14.71 24.11 -5.53
CA LYS B 291 -15.90 23.28 -5.74
C LYS B 291 -16.09 22.23 -4.65
N ILE B 292 -15.12 22.05 -3.75
CA ILE B 292 -15.16 21.00 -2.75
C ILE B 292 -15.97 21.49 -1.54
N ARG B 293 -17.15 20.91 -1.33
CA ARG B 293 -18.01 21.28 -0.22
C ARG B 293 -17.90 20.35 0.97
N GLY B 294 -16.97 19.38 0.93
CA GLY B 294 -16.78 18.47 2.05
C GLY B 294 -16.23 19.12 3.29
N UNK B 295 23.26 22.93 -23.20
CA UNK B 295 24.04 23.96 -23.88
C UNK B 295 23.94 23.80 -25.39
N UNK B 296 23.50 22.62 -25.83
CA UNK B 296 23.31 22.36 -27.25
C UNK B 296 21.83 22.14 -27.53
N UNK B 297 21.02 22.25 -26.48
CA UNK B 297 19.56 22.19 -26.60
C UNK B 297 19.03 23.61 -26.52
N UNK B 298 19.05 24.31 -27.64
CA UNK B 298 18.73 25.74 -27.68
C UNK B 298 17.25 26.01 -27.46
N UNK B 299 16.40 25.01 -27.68
CA UNK B 299 14.96 25.19 -27.57
C UNK B 299 14.50 25.29 -26.12
N UNK B 300 13.27 24.87 -25.86
CA UNK B 300 12.70 24.92 -24.52
C UNK B 300 13.39 23.93 -23.59
N UNK B 301 13.99 24.46 -22.52
CA UNK B 301 14.66 23.63 -21.54
C UNK B 301 13.78 23.46 -20.30
N UNK B 302 12.83 22.53 -20.39
CA UNK B 302 11.91 22.26 -19.30
C UNK B 302 12.63 21.61 -18.12
N UNK B 303 13.01 22.41 -17.13
CA UNK B 303 13.73 21.92 -15.98
C UNK B 303 12.77 21.41 -14.90
N UNK B 304 12.48 20.11 -14.93
CA UNK B 304 11.62 19.49 -13.94
C UNK B 304 12.36 18.34 -13.26
N UNK B 305 13.47 18.68 -12.60
CA UNK B 305 14.27 17.70 -11.89
C UNK B 305 15.08 18.40 -10.80
N UNK B 306 14.84 18.00 -9.55
CA UNK B 306 15.47 18.67 -8.40
C UNK B 306 15.43 17.80 -7.15
N UNK B 307 16.60 17.53 -6.58
CA UNK B 307 16.70 16.68 -5.39
C UNK B 307 16.58 17.48 -4.10
N UNK B 308 17.05 16.90 -3.00
CA UNK B 308 16.98 17.58 -1.70
C UNK B 308 18.31 17.49 -0.97
#